data_5ZKQ
#
_entry.id   5ZKQ
#
_cell.length_a   86.220
_cell.length_b   166.540
_cell.length_c   100.310
_cell.angle_alpha   90.00
_cell.angle_beta   100.00
_cell.angle_gamma   90.00
#
_symmetry.space_group_name_H-M   'C 1 2 1'
#
loop_
_entity.id
_entity.type
_entity.pdbx_description
1 polymer 'Platelet-activating factor receptor,Endolysin,Endolysin,Platelet-activating factor receptor'
2 non-polymer 4-ethynyl-3-{3-fluoro-4-[(2-methyl-1H-imidazo[4,5-c]pyridin-1-yl)methyl]benzene-1-carbonyl}-N,N-dimethyl-1H-indole-1-carboxamide
3 non-polymer '(2R)-2,3-dihydroxypropyl (9Z)-octadec-9-enoate'
4 non-polymer 'ZINC ION'
5 non-polymer 'SULFATE ION'
6 water water
#
_entity_poly.entity_id   1
_entity_poly.type   'polypeptide(L)'
_entity_poly.pdbx_seq_one_letter_code
;GAPEPHDSSHMDSEFRYTLFPIVYSIIFVLGVIANGYVLWVFARLYPCKKFNEIKIFMVNLTMADMLFLITLPLWIVYYQ
NQGNWILPKFLCNVAGCLFFINTYCSVAFLGVITYNRYQAVTRPIKTAQANTRKRGISLSLVIWVAIVGAASYFLILDST
NTVPDSAGSGDVTRCFEHYEKGSVPVLIIHIFIVFSFFLVFLIILFCNLVIIRTLLMQPVNIFEMLRIDEGGGSGGDEAE
KLFNQDVDAAVRGILRNAKLKPVYDSLDAVRRAALINMVFQMGETGVAGFTNSLRMLQQKRWDEAAVNLAKSRWYNQTPN
RAKRVITTFRTGTWDAYAEVKRRDLWMACTVLAVFIICFVPHHVVQLPWTLAELGFQDSKFHQAINDAHQVTLCLLSTNC
VLNPVIYCFLTKKFRKHLTEKFYSMRSSRKEFLEVLFQ
;
_entity_poly.pdbx_strand_id   A,B
#
loop_
_chem_comp.id
_chem_comp.type
_chem_comp.name
_chem_comp.formula
9EU non-polymer 4-ethynyl-3-{3-fluoro-4-[(2-methyl-1H-imidazo[4,5-c]pyridin-1-yl)methyl]benzene-1-carbonyl}-N,N-dimethyl-1H-indole-1-carboxamide 'C28 H22 F N5 O2'
OLC non-polymer '(2R)-2,3-dihydroxypropyl (9Z)-octadec-9-enoate' 'C21 H40 O4'
SO4 non-polymer 'SULFATE ION' 'O4 S -2'
ZN non-polymer 'ZINC ION' 'Zn 2'
#
# COMPACT_ATOMS: atom_id res chain seq x y z
N HIS A 6 -22.87 7.15 5.74
CA HIS A 6 -22.41 5.86 5.23
C HIS A 6 -23.01 4.70 6.01
N ASP A 7 -23.27 4.90 7.32
CA ASP A 7 -23.87 3.91 8.22
C ASP A 7 -25.27 3.52 7.77
N SER A 8 -25.86 4.34 6.86
CA SER A 8 -27.16 4.16 6.22
C SER A 8 -27.11 3.02 5.17
N SER A 9 -25.90 2.74 4.61
CA SER A 9 -25.65 1.69 3.62
C SER A 9 -25.67 0.27 4.28
N HIS A 10 -25.58 0.22 5.63
CA HIS A 10 -25.58 -0.99 6.47
C HIS A 10 -26.98 -1.57 6.75
N MET A 11 -28.05 -0.78 6.53
CA MET A 11 -29.44 -1.20 6.71
C MET A 11 -29.90 -2.14 5.56
N ASP A 12 -29.13 -2.16 4.44
CA ASP A 12 -29.34 -2.97 3.24
C ASP A 12 -28.83 -4.42 3.37
N SER A 13 -27.95 -4.70 4.36
CA SER A 13 -27.42 -6.05 4.63
C SER A 13 -28.01 -6.65 5.93
N GLU A 14 -29.12 -7.41 5.81
CA GLU A 14 -29.79 -8.11 6.91
C GLU A 14 -29.17 -9.50 7.09
N PHE A 15 -28.39 -9.91 6.07
CA PHE A 15 -27.67 -11.18 5.93
C PHE A 15 -26.76 -11.45 7.12
N ARG A 16 -25.97 -10.44 7.55
CA ARG A 16 -25.03 -10.54 8.67
C ARG A 16 -25.71 -10.86 10.01
N TYR A 17 -26.92 -10.30 10.26
CA TYR A 17 -27.69 -10.55 11.50
C TYR A 17 -28.27 -11.97 11.60
N THR A 18 -28.25 -12.71 10.50
CA THR A 18 -28.70 -14.11 10.40
C THR A 18 -27.45 -15.02 10.47
N LEU A 19 -26.41 -14.66 9.68
CA LEU A 19 -25.15 -15.37 9.52
C LEU A 19 -24.32 -15.47 10.78
N PHE A 20 -23.97 -14.33 11.41
CA PHE A 20 -23.11 -14.34 12.60
C PHE A 20 -23.74 -15.00 13.84
N PRO A 21 -24.99 -14.76 14.29
CA PRO A 21 -25.50 -15.51 15.46
C PRO A 21 -25.53 -17.02 15.26
N ILE A 22 -25.82 -17.50 14.03
CA ILE A 22 -25.82 -18.92 13.71
C ILE A 22 -24.39 -19.47 13.77
N VAL A 23 -23.50 -18.97 12.88
CA VAL A 23 -22.11 -19.40 12.70
C VAL A 23 -21.20 -19.18 13.93
N TYR A 24 -21.36 -18.06 14.65
CA TYR A 24 -20.51 -17.80 15.83
C TYR A 24 -20.85 -18.69 17.00
N SER A 25 -22.13 -19.12 17.15
CA SER A 25 -22.59 -20.05 18.20
C SER A 25 -21.97 -21.42 17.96
N ILE A 26 -21.97 -21.88 16.69
CA ILE A 26 -21.36 -23.15 16.26
C ILE A 26 -19.86 -23.12 16.50
N ILE A 27 -19.19 -22.02 16.08
CA ILE A 27 -17.74 -21.83 16.23
C ILE A 27 -17.36 -21.73 17.73
N PHE A 28 -18.17 -20.99 18.53
CA PHE A 28 -17.92 -20.86 19.96
C PHE A 28 -17.86 -22.21 20.65
N VAL A 29 -18.99 -22.95 20.62
CA VAL A 29 -19.14 -24.28 21.24
C VAL A 29 -18.08 -25.27 20.76
N LEU A 30 -17.99 -25.52 19.43
CA LEU A 30 -16.99 -26.41 18.83
C LEU A 30 -15.56 -26.03 19.27
N GLY A 31 -15.19 -24.74 19.12
CA GLY A 31 -13.89 -24.20 19.48
C GLY A 31 -13.58 -24.38 20.95
N VAL A 32 -14.43 -23.85 21.86
CA VAL A 32 -14.31 -24.00 23.33
C VAL A 32 -14.08 -25.49 23.71
N ILE A 33 -14.77 -26.43 23.00
CA ILE A 33 -14.66 -27.86 23.20
C ILE A 33 -13.30 -28.38 22.70
N ALA A 34 -12.98 -28.17 21.41
CA ALA A 34 -11.73 -28.63 20.79
C ALA A 34 -10.48 -28.03 21.43
N ASN A 35 -10.56 -26.75 21.83
CA ASN A 35 -9.44 -26.06 22.47
C ASN A 35 -9.30 -26.46 23.92
N GLY A 36 -10.42 -26.59 24.64
CA GLY A 36 -10.44 -27.06 26.03
C GLY A 36 -9.91 -28.47 26.10
N TYR A 37 -10.29 -29.29 25.10
CA TYR A 37 -9.84 -30.66 24.94
C TYR A 37 -8.33 -30.72 24.74
N VAL A 38 -7.77 -30.02 23.71
CA VAL A 38 -6.33 -30.02 23.40
C VAL A 38 -5.47 -29.45 24.54
N LEU A 39 -6.08 -28.70 25.48
CA LEU A 39 -5.35 -28.20 26.63
C LEU A 39 -5.18 -29.32 27.66
N TRP A 40 -5.97 -30.40 27.54
CA TRP A 40 -5.88 -31.60 28.37
C TRP A 40 -4.88 -32.56 27.78
N VAL A 41 -4.80 -32.59 26.42
CA VAL A 41 -3.84 -33.38 25.63
C VAL A 41 -2.43 -32.95 26.05
N PHE A 42 -2.17 -31.62 26.05
CA PHE A 42 -0.89 -31.05 26.45
C PHE A 42 -0.66 -31.22 27.97
N ALA A 43 -1.75 -31.15 28.79
CA ALA A 43 -1.67 -31.33 30.24
C ALA A 43 -1.30 -32.78 30.62
N ARG A 44 -1.74 -33.77 29.80
CA ARG A 44 -1.42 -35.20 29.97
C ARG A 44 -0.10 -35.52 29.23
N LEU A 45 0.87 -34.58 29.32
CA LEU A 45 2.20 -34.64 28.71
C LEU A 45 3.19 -33.73 29.47
N PHE A 51 9.47 -30.77 18.06
CA PHE A 51 8.63 -31.67 18.85
C PHE A 51 8.21 -31.02 20.19
N ASN A 52 9.20 -30.58 21.01
CA ASN A 52 8.93 -29.88 22.27
C ASN A 52 8.74 -28.39 21.96
N GLU A 53 9.55 -27.84 21.02
CA GLU A 53 9.48 -26.46 20.56
C GLU A 53 8.12 -26.26 19.85
N ILE A 54 7.75 -27.22 18.98
CA ILE A 54 6.49 -27.26 18.26
C ILE A 54 5.30 -27.28 19.24
N LYS A 55 5.43 -28.02 20.35
CA LYS A 55 4.41 -28.11 21.39
C LYS A 55 4.16 -26.75 22.05
N ILE A 56 5.22 -25.92 22.22
CA ILE A 56 5.15 -24.58 22.80
C ILE A 56 4.29 -23.68 21.92
N PHE A 57 4.56 -23.66 20.61
CA PHE A 57 3.81 -22.86 19.64
C PHE A 57 2.33 -23.23 19.61
N MET A 58 2.02 -24.52 19.72
CA MET A 58 0.67 -25.07 19.72
C MET A 58 -0.17 -24.61 20.91
N VAL A 59 0.41 -24.55 22.13
CA VAL A 59 -0.31 -24.07 23.34
C VAL A 59 -0.66 -22.58 23.22
N ASN A 60 0.32 -21.77 22.73
CA ASN A 60 0.20 -20.34 22.48
C ASN A 60 -0.87 -20.13 21.44
N LEU A 61 -0.83 -20.87 20.32
CA LEU A 61 -1.82 -20.80 19.26
C LEU A 61 -3.24 -21.13 19.79
N THR A 62 -3.36 -22.05 20.77
CA THR A 62 -4.61 -22.39 21.43
C THR A 62 -5.09 -21.24 22.33
N MET A 63 -4.14 -20.50 22.95
CA MET A 63 -4.41 -19.34 23.81
C MET A 63 -4.94 -18.14 23.00
N ALA A 64 -4.44 -17.98 21.76
CA ALA A 64 -4.89 -16.95 20.82
C ALA A 64 -6.35 -17.22 20.50
N ASP A 65 -6.70 -18.52 20.25
CA ASP A 65 -8.06 -19.01 19.96
C ASP A 65 -9.02 -18.77 21.11
N MET A 66 -8.62 -19.11 22.35
CA MET A 66 -9.43 -18.91 23.55
C MET A 66 -9.83 -17.46 23.71
N LEU A 67 -8.87 -16.54 23.48
CA LEU A 67 -9.07 -15.10 23.56
C LEU A 67 -10.20 -14.66 22.64
N PHE A 68 -10.19 -15.14 21.39
CA PHE A 68 -11.25 -14.79 20.45
C PHE A 68 -12.56 -15.52 20.79
N LEU A 69 -12.49 -16.82 21.16
CA LEU A 69 -13.65 -17.60 21.55
C LEU A 69 -14.43 -16.91 22.66
N ILE A 70 -13.73 -16.32 23.65
CA ILE A 70 -14.39 -15.60 24.74
C ILE A 70 -15.12 -14.33 24.24
N THR A 71 -14.73 -13.79 23.08
CA THR A 71 -15.41 -12.60 22.53
C THR A 71 -16.64 -12.97 21.70
N LEU A 72 -16.69 -14.21 21.11
CA LEU A 72 -17.82 -14.70 20.28
C LEU A 72 -19.21 -14.48 20.92
N PRO A 73 -19.48 -14.80 22.23
CA PRO A 73 -20.81 -14.51 22.78
C PRO A 73 -21.24 -13.05 22.64
N LEU A 74 -20.27 -12.09 22.68
CA LEU A 74 -20.56 -10.66 22.51
C LEU A 74 -21.05 -10.33 21.08
N TRP A 75 -20.41 -10.92 20.04
CA TRP A 75 -20.79 -10.70 18.64
C TRP A 75 -22.09 -11.37 18.30
N ILE A 76 -22.37 -12.51 18.97
CA ILE A 76 -23.62 -13.28 18.86
C ILE A 76 -24.76 -12.35 19.31
N VAL A 77 -24.63 -11.74 20.52
CA VAL A 77 -25.58 -10.79 21.11
C VAL A 77 -25.76 -9.56 20.21
N TYR A 78 -24.63 -8.98 19.73
CA TYR A 78 -24.53 -7.81 18.86
C TYR A 78 -25.34 -7.98 17.57
N TYR A 79 -25.05 -9.04 16.81
CA TYR A 79 -25.75 -9.33 15.57
C TYR A 79 -27.19 -9.77 15.82
N GLN A 80 -27.45 -10.36 17.00
CA GLN A 80 -28.78 -10.78 17.46
C GLN A 80 -29.67 -9.54 17.62
N ASN A 81 -29.11 -8.44 18.16
CA ASN A 81 -29.81 -7.18 18.40
C ASN A 81 -29.73 -6.19 17.21
N GLN A 82 -29.60 -6.78 15.99
CA GLN A 82 -29.54 -6.09 14.69
C GLN A 82 -28.40 -5.04 14.60
N GLY A 83 -27.22 -5.42 15.11
CA GLY A 83 -26.04 -4.57 15.13
C GLY A 83 -26.14 -3.46 16.14
N ASN A 84 -26.49 -3.81 17.39
CA ASN A 84 -26.57 -2.86 18.50
C ASN A 84 -25.72 -3.41 19.63
N TRP A 85 -24.69 -2.64 20.04
CA TRP A 85 -23.80 -3.01 21.14
C TRP A 85 -24.49 -2.53 22.42
N ILE A 86 -25.35 -3.41 22.95
CA ILE A 86 -26.14 -3.15 24.17
C ILE A 86 -25.23 -3.14 25.40
N LEU A 87 -24.16 -3.95 25.36
CA LEU A 87 -23.14 -4.11 26.41
C LEU A 87 -22.30 -2.81 26.62
N PRO A 88 -21.39 -2.74 27.64
CA PRO A 88 -20.56 -1.52 27.81
C PRO A 88 -19.69 -1.24 26.59
N LYS A 89 -19.48 0.05 26.28
CA LYS A 89 -18.69 0.50 25.14
C LYS A 89 -17.22 0.03 25.19
N PHE A 90 -16.59 -0.11 26.39
CA PHE A 90 -15.19 -0.57 26.50
C PHE A 90 -14.98 -1.99 26.00
N LEU A 91 -16.00 -2.85 26.14
CA LEU A 91 -15.97 -4.24 25.70
C LEU A 91 -15.82 -4.33 24.21
N CYS A 92 -16.29 -3.30 23.50
CA CYS A 92 -16.21 -3.17 22.05
C CYS A 92 -14.74 -3.01 21.61
N ASN A 93 -13.95 -2.22 22.36
CA ASN A 93 -12.52 -2.02 22.11
C ASN A 93 -11.79 -3.33 22.37
N VAL A 94 -12.15 -4.02 23.47
CA VAL A 94 -11.57 -5.31 23.88
C VAL A 94 -11.87 -6.42 22.83
N ALA A 95 -13.08 -6.39 22.24
CA ALA A 95 -13.53 -7.35 21.22
C ALA A 95 -12.70 -7.23 19.92
N GLY A 96 -12.49 -5.99 19.50
CA GLY A 96 -11.72 -5.66 18.29
C GLY A 96 -10.27 -6.03 18.46
N CYS A 97 -9.70 -5.66 19.63
CA CYS A 97 -8.33 -5.93 20.06
C CYS A 97 -8.00 -7.43 20.00
N LEU A 98 -8.83 -8.27 20.64
CA LEU A 98 -8.69 -9.71 20.73
C LEU A 98 -8.93 -10.42 19.41
N PHE A 99 -9.75 -9.83 18.55
CA PHE A 99 -10.01 -10.37 17.22
C PHE A 99 -8.74 -10.21 16.39
N PHE A 100 -8.04 -9.06 16.54
CA PHE A 100 -6.79 -8.78 15.84
C PHE A 100 -5.69 -9.72 16.34
N ILE A 101 -5.58 -9.88 17.69
CA ILE A 101 -4.61 -10.78 18.33
C ILE A 101 -4.80 -12.17 17.77
N ASN A 102 -6.05 -12.70 17.80
CA ASN A 102 -6.34 -14.04 17.29
C ASN A 102 -5.91 -14.20 15.84
N THR A 103 -6.27 -13.26 14.94
CA THR A 103 -5.93 -13.32 13.52
C THR A 103 -4.42 -13.40 13.29
N TYR A 104 -3.63 -12.51 13.94
CA TYR A 104 -2.21 -12.44 13.63
C TYR A 104 -1.32 -13.29 14.55
N CYS A 105 -1.81 -13.75 15.71
CA CYS A 105 -1.04 -14.68 16.55
C CYS A 105 -1.17 -16.04 15.90
N SER A 106 -2.35 -16.33 15.30
CA SER A 106 -2.58 -17.56 14.54
C SER A 106 -1.61 -17.58 13.33
N VAL A 107 -1.68 -16.55 12.46
CA VAL A 107 -0.79 -16.39 11.29
C VAL A 107 0.71 -16.54 11.69
N ALA A 108 1.14 -15.88 12.78
CA ALA A 108 2.52 -15.98 13.24
C ALA A 108 2.90 -17.37 13.77
N PHE A 109 2.11 -17.92 14.72
CA PHE A 109 2.40 -19.24 15.30
C PHE A 109 2.34 -20.37 14.26
N LEU A 110 1.40 -20.31 13.29
CA LEU A 110 1.32 -21.32 12.23
C LEU A 110 2.57 -21.23 11.36
N GLY A 111 2.98 -20.00 11.06
CA GLY A 111 4.17 -19.73 10.26
C GLY A 111 5.46 -20.13 10.94
N VAL A 112 5.48 -20.02 12.26
CA VAL A 112 6.63 -20.35 13.09
C VAL A 112 6.69 -21.88 13.29
N ILE A 113 5.53 -22.55 13.21
CA ILE A 113 5.40 -24.02 13.23
C ILE A 113 5.95 -24.52 11.87
N THR A 114 5.45 -23.95 10.73
CA THR A 114 5.85 -24.24 9.34
C THR A 114 7.37 -24.14 9.15
N TYR A 115 8.00 -23.11 9.74
CA TYR A 115 9.44 -22.91 9.64
C TYR A 115 10.23 -23.89 10.51
N ASN A 116 9.64 -24.35 11.65
CA ASN A 116 10.29 -25.32 12.54
C ASN A 116 10.42 -26.64 11.80
N ARG A 117 9.34 -27.05 11.09
CA ARG A 117 9.28 -28.27 10.30
C ARG A 117 10.06 -28.15 8.97
N TYR A 118 10.34 -26.91 8.51
CA TYR A 118 11.11 -26.68 7.28
C TYR A 118 12.60 -26.95 7.55
N GLN A 119 13.16 -26.31 8.60
CA GLN A 119 14.56 -26.49 9.02
C GLN A 119 14.80 -27.86 9.65
N ALA A 120 13.73 -28.59 10.04
CA ALA A 120 13.80 -29.95 10.60
C ALA A 120 13.74 -31.03 9.51
N VAL A 121 13.36 -30.65 8.27
CA VAL A 121 13.28 -31.58 7.13
C VAL A 121 14.44 -31.31 6.14
N THR A 122 14.65 -30.04 5.75
CA THR A 122 15.72 -29.66 4.81
C THR A 122 17.12 -29.75 5.42
N ARG A 123 17.27 -29.43 6.71
CA ARG A 123 18.57 -29.48 7.38
C ARG A 123 18.48 -30.01 8.82
N PRO A 124 18.14 -31.31 9.04
CA PRO A 124 18.06 -31.83 10.42
C PRO A 124 19.42 -32.10 11.06
N GLN A 129 17.61 -29.99 23.33
CA GLN A 129 16.29 -30.21 23.93
C GLN A 129 15.90 -29.09 24.91
N ALA A 130 16.85 -28.67 25.78
CA ALA A 130 16.69 -27.60 26.78
C ALA A 130 16.88 -26.21 26.13
N ASN A 131 17.54 -26.19 24.96
CA ASN A 131 17.80 -24.99 24.18
C ASN A 131 16.64 -24.72 23.23
N THR A 132 16.00 -25.79 22.69
CA THR A 132 14.81 -25.68 21.82
C THR A 132 13.57 -25.22 22.61
N ARG A 133 13.39 -25.73 23.86
CA ARG A 133 12.29 -25.34 24.75
C ARG A 133 12.44 -23.87 25.11
N LYS A 134 13.70 -23.42 25.34
CA LYS A 134 14.01 -22.02 25.66
C LYS A 134 13.90 -21.11 24.42
N ARG A 135 14.27 -21.63 23.21
CA ARG A 135 14.20 -20.92 21.93
C ARG A 135 12.74 -20.67 21.55
N GLY A 136 11.91 -21.70 21.72
CA GLY A 136 10.48 -21.68 21.41
C GLY A 136 9.71 -20.71 22.27
N ILE A 137 10.07 -20.61 23.57
CA ILE A 137 9.46 -19.66 24.52
C ILE A 137 9.88 -18.23 24.17
N SER A 138 11.15 -18.03 23.75
CA SER A 138 11.70 -16.74 23.33
C SER A 138 10.87 -16.21 22.19
N LEU A 139 10.87 -16.95 21.07
CA LEU A 139 10.13 -16.68 19.84
C LEU A 139 8.66 -16.43 20.09
N SER A 140 8.05 -17.19 21.02
CA SER A 140 6.64 -17.08 21.37
C SER A 140 6.37 -15.77 22.06
N LEU A 141 7.25 -15.38 22.98
CA LEU A 141 7.11 -14.10 23.67
C LEU A 141 7.30 -12.93 22.69
N VAL A 142 8.19 -13.07 21.68
CA VAL A 142 8.38 -12.02 20.66
C VAL A 142 7.03 -11.79 19.93
N ILE A 143 6.40 -12.89 19.46
CA ILE A 143 5.13 -12.87 18.73
C ILE A 143 4.04 -12.16 19.53
N TRP A 144 3.86 -12.54 20.80
CA TRP A 144 2.87 -11.91 21.66
C TRP A 144 3.11 -10.40 21.84
N VAL A 145 4.36 -9.99 22.12
CA VAL A 145 4.74 -8.57 22.29
C VAL A 145 4.48 -7.77 21.01
N ALA A 146 4.89 -8.31 19.85
CA ALA A 146 4.66 -7.67 18.56
C ALA A 146 3.14 -7.50 18.25
N ILE A 147 2.37 -8.59 18.35
CA ILE A 147 0.96 -8.58 18.02
C ILE A 147 0.13 -7.80 19.06
N VAL A 148 0.28 -8.08 20.36
CA VAL A 148 -0.42 -7.38 21.44
C VAL A 148 -0.07 -5.88 21.41
N GLY A 149 1.15 -5.55 20.99
CA GLY A 149 1.60 -4.18 20.85
C GLY A 149 0.78 -3.39 19.85
N ALA A 150 0.47 -4.02 18.70
CA ALA A 150 -0.33 -3.41 17.64
C ALA A 150 -1.80 -3.50 18.00
N ALA A 151 -2.24 -4.61 18.61
CA ALA A 151 -3.63 -4.81 19.01
C ALA A 151 -4.07 -3.80 20.06
N SER A 152 -3.13 -3.31 20.89
CA SER A 152 -3.41 -2.32 21.93
C SER A 152 -3.96 -0.99 21.40
N TYR A 153 -3.65 -0.64 20.14
CA TYR A 153 -4.21 0.58 19.51
C TYR A 153 -5.74 0.54 19.41
N PHE A 154 -6.34 -0.65 19.49
CA PHE A 154 -7.78 -0.80 19.44
C PHE A 154 -8.42 -0.32 20.74
N LEU A 155 -7.63 -0.27 21.81
CA LEU A 155 -8.10 0.13 23.13
C LEU A 155 -8.12 1.67 23.33
N ILE A 156 -7.50 2.43 22.43
CA ILE A 156 -7.44 3.89 22.56
C ILE A 156 -8.33 4.59 21.52
N LEU A 157 -9.06 3.80 20.71
CA LEU A 157 -9.97 4.28 19.67
C LEU A 157 -11.35 4.56 20.25
N ASP A 158 -12.21 5.21 19.45
CA ASP A 158 -13.61 5.43 19.76
C ASP A 158 -14.27 4.38 18.86
N SER A 159 -14.51 3.19 19.43
CA SER A 159 -15.04 2.02 18.73
C SER A 159 -16.52 2.11 18.36
N THR A 160 -17.31 2.79 19.20
CA THR A 160 -18.76 2.91 19.09
C THR A 160 -19.25 4.21 18.42
N ASN A 161 -20.31 4.09 17.58
CA ASN A 161 -20.98 5.19 16.89
C ASN A 161 -22.50 4.93 16.83
N THR A 162 -23.30 5.82 17.45
CA THR A 162 -24.76 5.69 17.49
C THR A 162 -25.33 6.11 16.15
N VAL A 163 -25.98 5.19 15.43
CA VAL A 163 -26.56 5.46 14.10
C VAL A 163 -28.04 4.96 13.98
N PRO A 164 -28.91 5.59 13.12
CA PRO A 164 -30.31 5.14 13.03
C PRO A 164 -30.51 3.74 12.45
N ASP A 165 -31.61 3.09 12.87
CA ASP A 165 -32.02 1.75 12.47
C ASP A 165 -32.93 1.77 11.23
N SER A 166 -32.90 0.65 10.46
CA SER A 166 -33.69 0.36 9.24
C SER A 166 -35.16 0.70 9.43
N ALA A 167 -35.72 0.36 10.63
CA ALA A 167 -37.09 0.62 11.02
C ALA A 167 -37.17 1.82 11.98
N GLY A 168 -37.74 2.91 11.48
CA GLY A 168 -37.96 4.15 12.22
C GLY A 168 -36.76 5.00 12.57
N SER A 169 -36.98 5.92 13.55
CA SER A 169 -36.01 6.88 14.08
C SER A 169 -35.15 6.31 15.24
N GLY A 170 -35.34 5.02 15.57
CA GLY A 170 -34.60 4.33 16.61
C GLY A 170 -33.11 4.27 16.30
N ASP A 171 -32.25 4.48 17.32
CA ASP A 171 -30.80 4.49 17.18
C ASP A 171 -30.09 3.24 17.76
N VAL A 172 -29.33 2.52 16.90
CA VAL A 172 -28.50 1.37 17.28
C VAL A 172 -27.06 1.86 17.53
N THR A 173 -26.26 1.09 18.29
CA THR A 173 -24.87 1.46 18.59
C THR A 173 -23.90 0.47 17.94
N ARG A 174 -23.21 0.94 16.89
CA ARG A 174 -22.26 0.11 16.16
C ARG A 174 -20.95 -0.11 16.91
N CYS A 175 -20.31 -1.25 16.65
CA CYS A 175 -19.03 -1.62 17.19
C CYS A 175 -18.04 -1.89 16.07
N PHE A 176 -17.07 -0.96 15.92
CA PHE A 176 -15.97 -0.98 14.97
C PHE A 176 -16.46 -1.10 13.54
N GLU A 177 -17.41 -0.21 13.22
CA GLU A 177 -18.03 -0.11 11.91
C GLU A 177 -17.77 1.26 11.26
N HIS A 178 -17.40 2.30 12.06
CA HIS A 178 -17.15 3.66 11.55
C HIS A 178 -15.79 3.88 10.89
N TYR A 179 -15.80 4.35 9.63
CA TYR A 179 -14.59 4.68 8.84
C TYR A 179 -14.72 6.10 8.28
N GLU A 180 -13.79 7.01 8.68
CA GLU A 180 -13.73 8.41 8.24
C GLU A 180 -13.61 8.46 6.74
N LYS A 181 -14.54 9.15 6.04
CA LYS A 181 -14.55 9.24 4.59
C LYS A 181 -13.20 9.75 4.00
N GLY A 182 -12.70 8.96 3.04
CA GLY A 182 -11.45 9.15 2.30
C GLY A 182 -10.18 9.19 3.12
N SER A 183 -10.15 8.46 4.25
CA SER A 183 -8.97 8.45 5.12
C SER A 183 -7.81 7.75 4.44
N VAL A 184 -6.73 8.50 4.18
CA VAL A 184 -5.54 7.92 3.56
C VAL A 184 -4.73 7.11 4.61
N PRO A 185 -4.55 7.58 5.90
CA PRO A 185 -3.80 6.76 6.88
C PRO A 185 -4.49 5.45 7.23
N VAL A 186 -5.84 5.43 7.28
CA VAL A 186 -6.57 4.18 7.54
C VAL A 186 -6.20 3.24 6.40
N LEU A 187 -6.27 3.75 5.17
CA LEU A 187 -5.94 2.97 3.99
C LEU A 187 -4.49 2.51 3.97
N ILE A 188 -3.52 3.35 4.40
CA ILE A 188 -2.11 2.96 4.45
C ILE A 188 -1.89 1.77 5.41
N ILE A 189 -2.53 1.81 6.62
CA ILE A 189 -2.46 0.73 7.63
C ILE A 189 -2.91 -0.60 7.01
N HIS A 190 -4.05 -0.59 6.29
CA HIS A 190 -4.60 -1.78 5.65
C HIS A 190 -3.74 -2.26 4.51
N ILE A 191 -3.05 -1.35 3.80
CA ILE A 191 -2.11 -1.73 2.74
C ILE A 191 -0.93 -2.47 3.39
N PHE A 192 -0.39 -1.91 4.50
CA PHE A 192 0.68 -2.50 5.27
C PHE A 192 0.33 -3.95 5.72
N ILE A 193 -0.80 -4.12 6.44
CA ILE A 193 -1.28 -5.43 6.94
C ILE A 193 -1.58 -6.45 5.82
N VAL A 194 -2.24 -6.04 4.72
CA VAL A 194 -2.54 -6.94 3.59
C VAL A 194 -1.23 -7.36 2.88
N PHE A 195 -0.30 -6.40 2.66
CA PHE A 195 0.99 -6.70 2.03
C PHE A 195 1.83 -7.63 2.92
N SER A 196 1.95 -7.31 4.23
CA SER A 196 2.70 -8.12 5.19
C SER A 196 2.13 -9.53 5.23
N PHE A 197 0.79 -9.67 5.28
CA PHE A 197 0.13 -10.97 5.26
C PHE A 197 0.55 -11.77 4.05
N PHE A 198 0.49 -11.19 2.84
CA PHE A 198 0.86 -11.95 1.65
C PHE A 198 2.37 -12.22 1.54
N LEU A 199 3.19 -11.46 2.28
CA LEU A 199 4.63 -11.69 2.33
C LEU A 199 4.83 -12.92 3.22
N VAL A 200 4.26 -12.90 4.43
CA VAL A 200 4.26 -13.99 5.42
C VAL A 200 3.67 -15.28 4.82
N PHE A 201 2.49 -15.20 4.19
CA PHE A 201 1.83 -16.34 3.57
C PHE A 201 2.64 -16.97 2.44
N LEU A 202 3.37 -16.16 1.65
CA LEU A 202 4.16 -16.72 0.55
C LEU A 202 5.43 -17.42 1.04
N ILE A 203 6.03 -16.95 2.16
CA ILE A 203 7.17 -17.62 2.80
C ILE A 203 6.65 -18.99 3.28
N ILE A 204 5.44 -19.02 3.89
CA ILE A 204 4.73 -20.21 4.36
C ILE A 204 4.48 -21.17 3.23
N LEU A 205 3.85 -20.68 2.13
CA LEU A 205 3.53 -21.44 0.93
C LEU A 205 4.77 -22.11 0.37
N PHE A 206 5.89 -21.37 0.24
CA PHE A 206 7.14 -21.92 -0.24
C PHE A 206 7.67 -22.99 0.73
N CYS A 207 7.78 -22.66 2.05
CA CYS A 207 8.24 -23.54 3.12
C CYS A 207 7.51 -24.87 3.17
N ASN A 208 6.17 -24.83 3.08
CA ASN A 208 5.29 -26.00 3.09
C ASN A 208 5.41 -26.80 1.80
N LEU A 209 5.44 -26.12 0.62
CA LEU A 209 5.56 -26.81 -0.67
C LEU A 209 6.92 -27.51 -0.84
N VAL A 210 7.97 -26.99 -0.17
CA VAL A 210 9.30 -27.60 -0.15
C VAL A 210 9.21 -28.84 0.74
N ILE A 211 8.45 -28.77 1.87
CA ILE A 211 8.21 -29.87 2.79
C ILE A 211 7.49 -31.02 2.06
N ILE A 212 6.37 -30.73 1.35
CA ILE A 212 5.60 -31.73 0.59
C ILE A 212 6.42 -32.31 -0.61
N ARG A 213 7.36 -31.52 -1.18
CA ARG A 213 8.23 -31.95 -2.29
C ARG A 213 9.33 -32.88 -1.78
N THR A 214 10.06 -32.45 -0.73
CA THR A 214 11.13 -33.22 -0.08
C THR A 214 10.54 -34.51 0.54
N LEU A 215 9.31 -34.42 1.12
CA LEU A 215 8.61 -35.57 1.70
C LEU A 215 8.03 -36.52 0.66
N LEU A 216 7.81 -36.06 -0.59
CA LEU A 216 7.33 -36.93 -1.67
C LEU A 216 8.53 -37.64 -2.33
N MET A 217 9.73 -37.01 -2.29
CA MET A 217 11.00 -37.51 -2.86
C MET A 217 12.09 -37.60 -1.76
N GLN A 218 12.05 -38.69 -0.97
CA GLN A 218 12.97 -38.97 0.15
C GLN A 218 13.93 -40.19 -0.08
N PRO A 219 13.63 -41.26 -0.89
CA PRO A 219 14.61 -42.35 -1.03
C PRO A 219 15.63 -42.11 -2.15
N ALA A 338 9.09 -43.82 7.30
CA ALA A 338 7.87 -44.53 6.93
C ALA A 338 6.62 -43.92 7.58
N GLU A 339 6.66 -43.73 8.92
CA GLU A 339 5.57 -43.15 9.71
C GLU A 339 5.87 -41.69 10.06
N VAL A 340 7.15 -41.40 10.43
CA VAL A 340 7.64 -40.07 10.79
C VAL A 340 7.48 -39.11 9.60
N LYS A 341 7.88 -39.56 8.39
CA LYS A 341 7.77 -38.82 7.14
C LYS A 341 6.30 -38.63 6.72
N ARG A 342 5.43 -39.61 7.03
CA ARG A 342 4.01 -39.63 6.68
C ARG A 342 3.15 -38.59 7.42
N ARG A 343 3.48 -38.25 8.69
CA ARG A 343 2.69 -37.31 9.50
C ARG A 343 3.05 -35.84 9.26
N ASP A 344 4.35 -35.53 9.18
CA ASP A 344 4.88 -34.19 8.96
C ASP A 344 4.52 -33.66 7.57
N LEU A 345 4.42 -34.55 6.57
CA LEU A 345 4.04 -34.21 5.21
C LEU A 345 2.57 -33.83 5.18
N TRP A 346 1.73 -34.63 5.86
CA TRP A 346 0.29 -34.41 5.99
C TRP A 346 -0.04 -33.24 6.93
N MET A 347 0.94 -32.79 7.75
CA MET A 347 0.83 -31.63 8.65
C MET A 347 1.02 -30.34 7.85
N ALA A 348 1.99 -30.33 6.90
CA ALA A 348 2.27 -29.20 6.01
C ALA A 348 1.02 -28.82 5.21
N CYS A 349 0.13 -29.80 5.02
CA CYS A 349 -1.14 -29.68 4.29
C CYS A 349 -2.21 -29.05 5.18
N THR A 350 -2.16 -29.32 6.51
CA THR A 350 -3.09 -28.78 7.51
C THR A 350 -2.88 -27.26 7.66
N VAL A 351 -1.60 -26.83 7.75
CA VAL A 351 -1.18 -25.43 7.85
C VAL A 351 -1.65 -24.70 6.59
N LEU A 352 -1.52 -25.34 5.41
CA LEU A 352 -1.99 -24.76 4.16
C LEU A 352 -3.50 -24.68 4.10
N ALA A 353 -4.19 -25.75 4.54
CA ALA A 353 -5.66 -25.77 4.61
C ALA A 353 -6.14 -24.58 5.40
N VAL A 354 -5.63 -24.39 6.63
CA VAL A 354 -5.95 -23.26 7.51
C VAL A 354 -5.70 -21.90 6.81
N PHE A 355 -4.52 -21.72 6.17
CA PHE A 355 -4.20 -20.49 5.47
C PHE A 355 -5.13 -20.19 4.31
N ILE A 356 -5.30 -21.15 3.39
CA ILE A 356 -6.14 -20.98 2.21
C ILE A 356 -7.63 -20.85 2.58
N ILE A 357 -8.12 -21.62 3.54
CA ILE A 357 -9.54 -21.56 3.91
C ILE A 357 -9.89 -20.34 4.78
N CYS A 358 -9.09 -20.06 5.83
CA CYS A 358 -9.41 -19.05 6.84
C CYS A 358 -8.88 -17.63 6.59
N PHE A 359 -7.54 -17.52 6.35
CA PHE A 359 -6.82 -16.25 6.25
C PHE A 359 -6.73 -15.62 4.87
N VAL A 360 -6.45 -16.41 3.81
CA VAL A 360 -6.35 -15.88 2.44
C VAL A 360 -7.69 -15.26 1.92
N PRO A 361 -8.90 -15.87 2.12
CA PRO A 361 -10.12 -15.22 1.64
C PRO A 361 -10.31 -13.82 2.23
N HIS A 362 -10.06 -13.70 3.54
CA HIS A 362 -10.20 -12.45 4.26
C HIS A 362 -9.23 -11.37 3.82
N HIS A 363 -7.95 -11.71 3.58
CA HIS A 363 -6.94 -10.72 3.19
C HIS A 363 -7.04 -10.35 1.72
N VAL A 364 -7.76 -11.14 0.93
CA VAL A 364 -8.05 -10.80 -0.47
C VAL A 364 -9.10 -9.63 -0.43
N VAL A 365 -10.24 -9.87 0.26
CA VAL A 365 -11.37 -8.96 0.48
C VAL A 365 -10.98 -7.68 1.27
N GLN A 366 -10.12 -7.80 2.33
CA GLN A 366 -9.73 -6.68 3.22
C GLN A 366 -9.51 -5.35 2.49
N LEU A 367 -8.64 -5.30 1.46
CA LEU A 367 -8.42 -4.04 0.72
C LEU A 367 -9.66 -3.55 -0.08
N PRO A 368 -10.26 -4.32 -1.06
CA PRO A 368 -11.43 -3.81 -1.77
C PRO A 368 -12.57 -3.36 -0.85
N TRP A 369 -12.78 -4.07 0.26
CA TRP A 369 -13.81 -3.73 1.25
C TRP A 369 -13.45 -2.44 2.02
N THR A 370 -12.18 -2.30 2.48
CA THR A 370 -11.70 -1.11 3.19
C THR A 370 -11.98 0.13 2.32
N LEU A 371 -11.62 0.06 1.03
CA LEU A 371 -11.84 1.11 0.04
C LEU A 371 -13.31 1.48 -0.04
N ALA A 372 -14.21 0.46 -0.06
CA ALA A 372 -15.66 0.65 -0.09
C ALA A 372 -16.14 1.39 1.15
N GLU A 373 -15.56 1.09 2.33
CA GLU A 373 -15.90 1.74 3.62
C GLU A 373 -15.40 3.17 3.72
N LEU A 374 -14.33 3.51 2.98
CA LEU A 374 -13.75 4.86 2.95
C LEU A 374 -14.38 5.76 1.84
N GLY A 375 -15.35 5.21 1.11
CA GLY A 375 -16.13 5.87 0.06
C GLY A 375 -15.54 5.88 -1.33
N PHE A 376 -14.54 5.02 -1.58
CA PHE A 376 -13.81 4.96 -2.86
C PHE A 376 -14.49 4.08 -3.94
N GLN A 377 -15.71 3.55 -3.68
CA GLN A 377 -16.38 2.69 -4.67
C GLN A 377 -17.87 3.02 -4.84
N ASP A 378 -18.53 2.37 -5.82
CA ASP A 378 -19.96 2.54 -6.11
C ASP A 378 -20.83 1.72 -5.13
N SER A 379 -22.14 2.01 -5.04
CA SER A 379 -23.07 1.30 -4.14
C SER A 379 -23.25 -0.19 -4.49
N LYS A 380 -23.13 -0.53 -5.80
CA LYS A 380 -23.26 -1.91 -6.29
C LYS A 380 -22.08 -2.76 -5.82
N PHE A 381 -20.83 -2.23 -5.94
CA PHE A 381 -19.60 -2.89 -5.48
C PHE A 381 -19.63 -2.95 -3.95
N HIS A 382 -20.03 -1.83 -3.30
CA HIS A 382 -20.14 -1.70 -1.86
C HIS A 382 -20.85 -2.92 -1.26
N GLN A 383 -22.09 -3.22 -1.74
CA GLN A 383 -22.89 -4.34 -1.26
C GLN A 383 -22.25 -5.69 -1.51
N ALA A 384 -21.71 -5.90 -2.73
CA ALA A 384 -21.04 -7.14 -3.14
C ALA A 384 -19.85 -7.49 -2.22
N ILE A 385 -18.93 -6.52 -2.02
CA ILE A 385 -17.74 -6.68 -1.20
C ILE A 385 -18.07 -6.76 0.30
N ASN A 386 -19.13 -6.05 0.77
CA ASN A 386 -19.54 -6.09 2.16
C ASN A 386 -20.12 -7.46 2.53
N ASP A 387 -20.86 -8.08 1.60
CA ASP A 387 -21.44 -9.40 1.83
C ASP A 387 -20.34 -10.47 1.87
N ALA A 388 -19.36 -10.34 0.94
CA ALA A 388 -18.19 -11.21 0.84
C ALA A 388 -17.39 -11.10 2.13
N HIS A 389 -17.31 -9.86 2.68
CA HIS A 389 -16.61 -9.54 3.92
C HIS A 389 -17.21 -10.30 5.11
N GLN A 390 -18.56 -10.45 5.16
CA GLN A 390 -19.24 -11.21 6.22
C GLN A 390 -18.86 -12.69 6.17
N VAL A 391 -18.70 -13.24 4.95
CA VAL A 391 -18.35 -14.64 4.68
C VAL A 391 -16.93 -14.92 5.14
N THR A 392 -15.98 -14.04 4.73
CA THR A 392 -14.55 -14.14 5.05
C THR A 392 -14.26 -13.97 6.55
N LEU A 393 -15.11 -13.16 7.25
CA LEU A 393 -15.04 -12.93 8.69
C LEU A 393 -15.43 -14.21 9.42
N CYS A 394 -16.46 -14.92 8.89
CA CYS A 394 -16.94 -16.22 9.37
C CYS A 394 -15.86 -17.27 9.10
N LEU A 395 -15.29 -17.27 7.87
CA LEU A 395 -14.20 -18.17 7.50
C LEU A 395 -12.92 -17.97 8.34
N LEU A 396 -12.68 -16.75 8.84
CA LEU A 396 -11.53 -16.42 9.67
C LEU A 396 -11.70 -17.01 11.07
N SER A 397 -12.97 -17.14 11.48
CA SER A 397 -13.35 -17.68 12.78
C SER A 397 -13.27 -19.18 12.81
N THR A 398 -13.29 -19.84 11.61
CA THR A 398 -13.19 -21.30 11.54
C THR A 398 -11.80 -21.78 11.91
N ASN A 399 -10.81 -20.88 11.90
CA ASN A 399 -9.43 -21.17 12.30
C ASN A 399 -9.35 -21.65 13.77
N CYS A 400 -10.29 -21.23 14.66
CA CYS A 400 -10.40 -21.63 16.07
C CYS A 400 -10.72 -23.11 16.20
N VAL A 401 -11.50 -23.60 15.24
CA VAL A 401 -12.02 -24.96 15.15
C VAL A 401 -11.08 -25.82 14.28
N LEU A 402 -10.42 -25.21 13.29
CA LEU A 402 -9.56 -25.97 12.40
C LEU A 402 -8.10 -26.08 12.83
N ASN A 403 -7.54 -25.10 13.56
CA ASN A 403 -6.14 -25.20 13.93
C ASN A 403 -5.86 -26.22 15.09
N PRO A 404 -6.79 -26.59 16.05
CA PRO A 404 -6.42 -27.62 17.05
C PRO A 404 -6.11 -28.99 16.42
N VAL A 405 -6.53 -29.17 15.14
CA VAL A 405 -6.33 -30.33 14.29
C VAL A 405 -4.84 -30.59 14.06
N ILE A 406 -4.00 -29.57 14.23
CA ILE A 406 -2.55 -29.70 14.06
C ILE A 406 -1.91 -30.52 15.19
N TYR A 407 -2.56 -30.55 16.40
CA TYR A 407 -2.11 -31.28 17.58
C TYR A 407 -1.91 -32.77 17.35
N CYS A 408 -2.79 -33.40 16.56
CA CYS A 408 -2.69 -34.83 16.26
C CYS A 408 -1.66 -35.12 15.17
N PHE A 409 -1.62 -34.28 14.10
CA PHE A 409 -0.67 -34.42 12.98
C PHE A 409 0.80 -34.18 13.40
N LEU A 410 1.08 -34.14 14.73
CA LEU A 410 2.41 -34.00 15.31
C LEU A 410 2.54 -34.63 16.71
N THR A 411 1.47 -34.59 17.52
CA THR A 411 1.49 -35.18 18.87
C THR A 411 0.27 -36.07 19.10
N SER B 9 30.40 -21.27 -6.93
CA SER B 9 30.18 -20.07 -7.73
C SER B 9 29.42 -19.01 -6.91
N HIS B 10 28.13 -19.32 -6.60
CA HIS B 10 27.18 -18.51 -5.83
C HIS B 10 25.98 -19.41 -5.48
N MET B 11 25.05 -18.91 -4.63
CA MET B 11 23.86 -19.68 -4.27
C MET B 11 22.86 -19.74 -5.46
N ASP B 12 22.24 -18.57 -5.83
CA ASP B 12 21.27 -18.42 -6.93
C ASP B 12 21.85 -18.61 -8.34
N SER B 13 23.19 -18.75 -8.41
CA SER B 13 24.03 -18.92 -9.61
C SER B 13 23.34 -19.61 -10.82
N GLU B 14 22.87 -20.87 -10.63
CA GLU B 14 22.27 -21.69 -11.68
C GLU B 14 21.45 -20.89 -12.74
N PHE B 15 20.39 -20.18 -12.31
CA PHE B 15 19.52 -19.50 -13.25
C PHE B 15 19.91 -18.08 -13.58
N ARG B 16 20.63 -17.39 -12.67
CA ARG B 16 21.00 -16.00 -12.90
C ARG B 16 21.77 -15.80 -14.19
N TYR B 17 22.65 -16.77 -14.57
CA TYR B 17 23.46 -16.72 -15.78
C TYR B 17 22.60 -16.89 -17.04
N THR B 18 21.32 -17.24 -16.87
CA THR B 18 20.36 -17.42 -17.97
C THR B 18 19.33 -16.27 -17.96
N LEU B 19 18.86 -15.90 -16.74
CA LEU B 19 17.89 -14.84 -16.45
C LEU B 19 18.34 -13.50 -16.99
N PHE B 20 19.44 -12.95 -16.42
CA PHE B 20 19.95 -11.63 -16.82
C PHE B 20 20.30 -11.50 -18.30
N PRO B 21 20.94 -12.45 -18.99
CA PRO B 21 21.17 -12.25 -20.43
C PRO B 21 19.87 -12.09 -21.25
N ILE B 22 18.76 -12.78 -20.86
CA ILE B 22 17.47 -12.67 -21.58
C ILE B 22 16.71 -11.41 -21.14
N VAL B 23 16.46 -11.28 -19.83
CA VAL B 23 15.73 -10.15 -19.24
C VAL B 23 16.36 -8.80 -19.65
N TYR B 24 17.70 -8.66 -19.48
CA TYR B 24 18.43 -7.45 -19.76
C TYR B 24 18.56 -7.17 -21.24
N SER B 25 18.32 -8.19 -22.08
CA SER B 25 18.38 -8.02 -23.53
C SER B 25 17.10 -7.31 -24.00
N ILE B 26 15.94 -7.80 -23.52
CA ILE B 26 14.60 -7.25 -23.80
C ILE B 26 14.58 -5.78 -23.35
N ILE B 27 14.97 -5.54 -22.06
CA ILE B 27 15.07 -4.25 -21.40
C ILE B 27 15.96 -3.30 -22.17
N PHE B 28 17.11 -3.79 -22.65
CA PHE B 28 18.00 -2.93 -23.39
C PHE B 28 17.32 -2.37 -24.62
N VAL B 29 16.72 -3.25 -25.42
CA VAL B 29 16.08 -2.87 -26.67
C VAL B 29 14.82 -2.03 -26.40
N LEU B 30 13.89 -2.46 -25.50
CA LEU B 30 12.68 -1.67 -25.17
C LEU B 30 13.02 -0.30 -24.56
N GLY B 31 13.88 -0.29 -23.54
CA GLY B 31 14.33 0.91 -22.85
C GLY B 31 15.05 1.93 -23.71
N VAL B 32 15.79 1.47 -24.75
CA VAL B 32 16.50 2.39 -25.65
C VAL B 32 15.49 3.02 -26.63
N ILE B 33 14.46 2.24 -27.03
CA ILE B 33 13.36 2.67 -27.90
C ILE B 33 12.46 3.67 -27.12
N ALA B 34 11.94 3.25 -25.94
CA ALA B 34 11.08 4.05 -25.05
C ALA B 34 11.69 5.38 -24.62
N ASN B 35 12.95 5.38 -24.12
CA ASN B 35 13.61 6.62 -23.68
C ASN B 35 14.12 7.46 -24.83
N GLY B 36 14.37 6.84 -25.98
CA GLY B 36 14.82 7.53 -27.18
C GLY B 36 13.69 8.30 -27.82
N TYR B 37 12.50 7.66 -27.86
CA TYR B 37 11.26 8.22 -28.39
C TYR B 37 10.75 9.33 -27.47
N VAL B 38 11.01 9.18 -26.17
CA VAL B 38 10.65 10.11 -25.11
C VAL B 38 11.46 11.41 -25.27
N LEU B 39 12.70 11.30 -25.78
CA LEU B 39 13.56 12.45 -26.08
C LEU B 39 13.12 13.11 -27.41
N TRP B 40 12.22 12.43 -28.18
CA TRP B 40 11.61 12.96 -29.40
C TRP B 40 10.34 13.74 -28.98
N VAL B 41 9.57 13.16 -28.03
CA VAL B 41 8.36 13.75 -27.42
C VAL B 41 8.79 15.02 -26.68
N PHE B 42 9.90 14.96 -25.91
CA PHE B 42 10.41 16.12 -25.21
C PHE B 42 10.87 17.23 -26.19
N ALA B 43 11.65 16.87 -27.23
CA ALA B 43 12.14 17.82 -28.25
C ALA B 43 11.00 18.58 -28.95
N ARG B 44 9.93 17.85 -29.36
CA ARG B 44 8.73 18.37 -30.03
C ARG B 44 7.72 19.01 -29.06
N LEU B 45 8.21 19.65 -27.98
CA LEU B 45 7.40 20.35 -26.97
C LEU B 45 8.03 21.67 -26.52
N TYR B 46 7.63 22.76 -27.22
CA TYR B 46 8.04 24.14 -26.95
C TYR B 46 6.94 24.97 -26.20
N PRO B 47 5.62 24.60 -26.18
CA PRO B 47 4.64 25.44 -25.43
C PRO B 47 4.68 25.21 -23.91
N PHE B 51 3.56 21.55 -15.33
CA PHE B 51 3.92 21.02 -16.64
C PHE B 51 5.39 21.29 -17.01
N ASN B 52 5.87 22.57 -16.93
CA ASN B 52 7.27 22.93 -17.24
C ASN B 52 8.23 22.29 -16.24
N GLU B 53 7.92 22.41 -14.93
CA GLU B 53 8.66 21.83 -13.81
C GLU B 53 8.66 20.30 -13.94
N ILE B 54 7.46 19.68 -14.10
CA ILE B 54 7.28 18.24 -14.28
C ILE B 54 8.09 17.76 -15.51
N LYS B 55 8.09 18.57 -16.59
CA LYS B 55 8.85 18.27 -17.80
C LYS B 55 10.33 18.09 -17.50
N ILE B 56 10.93 18.93 -16.61
CA ILE B 56 12.35 18.85 -16.24
C ILE B 56 12.65 17.53 -15.53
N PHE B 57 11.80 17.19 -14.55
CA PHE B 57 11.96 15.96 -13.77
C PHE B 57 11.91 14.75 -14.66
N MET B 58 11.00 14.76 -15.64
CA MET B 58 10.85 13.66 -16.59
C MET B 58 12.09 13.49 -17.47
N VAL B 59 12.65 14.61 -17.98
CA VAL B 59 13.84 14.59 -18.83
C VAL B 59 15.05 14.16 -18.03
N ASN B 60 15.12 14.61 -16.75
CA ASN B 60 16.17 14.26 -15.80
C ASN B 60 16.10 12.77 -15.42
N LEU B 61 14.87 12.20 -15.40
CA LEU B 61 14.59 10.79 -15.11
C LEU B 61 15.08 9.93 -16.29
N THR B 62 14.90 10.42 -17.53
CA THR B 62 15.34 9.75 -18.76
C THR B 62 16.86 9.70 -18.82
N MET B 63 17.54 10.77 -18.33
CA MET B 63 18.99 10.91 -18.24
C MET B 63 19.54 9.86 -17.32
N ALA B 64 18.78 9.53 -16.25
CA ALA B 64 19.09 8.49 -15.27
C ALA B 64 18.98 7.12 -15.92
N ASP B 65 17.92 6.91 -16.75
CA ASP B 65 17.70 5.66 -17.49
C ASP B 65 18.79 5.40 -18.52
N MET B 66 19.21 6.43 -19.28
CA MET B 66 20.28 6.31 -20.28
C MET B 66 21.55 5.82 -19.64
N LEU B 67 21.91 6.39 -18.46
CA LEU B 67 23.10 5.99 -17.70
C LEU B 67 23.05 4.50 -17.39
N PHE B 68 21.89 3.96 -16.94
CA PHE B 68 21.81 2.53 -16.68
C PHE B 68 21.84 1.75 -17.93
N LEU B 69 20.91 2.02 -18.88
CA LEU B 69 20.76 1.33 -20.16
C LEU B 69 22.10 1.06 -20.86
N ILE B 70 22.99 2.08 -20.93
CA ILE B 70 24.32 1.92 -21.53
C ILE B 70 25.19 0.86 -20.82
N THR B 71 24.98 0.61 -19.52
CA THR B 71 25.77 -0.40 -18.80
C THR B 71 25.28 -1.82 -19.11
N LEU B 72 24.00 -1.99 -19.46
CA LEU B 72 23.39 -3.30 -19.74
C LEU B 72 24.22 -4.22 -20.67
N PRO B 73 24.70 -3.81 -21.87
CA PRO B 73 25.59 -4.71 -22.63
C PRO B 73 26.68 -5.42 -21.77
N LEU B 74 27.32 -4.67 -20.83
CA LEU B 74 28.37 -5.20 -19.94
C LEU B 74 27.85 -6.26 -18.99
N TRP B 75 26.60 -6.13 -18.54
CA TRP B 75 26.00 -7.13 -17.66
C TRP B 75 25.57 -8.37 -18.39
N ILE B 76 25.14 -8.23 -19.66
CA ILE B 76 24.72 -9.34 -20.52
C ILE B 76 25.95 -10.23 -20.78
N VAL B 77 27.08 -9.62 -21.15
CA VAL B 77 28.34 -10.30 -21.40
C VAL B 77 28.84 -10.95 -20.12
N TYR B 78 28.81 -10.22 -18.97
CA TYR B 78 29.25 -10.72 -17.66
C TYR B 78 28.49 -12.00 -17.31
N TYR B 79 27.17 -12.01 -17.54
CA TYR B 79 26.35 -13.16 -17.22
C TYR B 79 26.42 -14.27 -18.27
N GLN B 80 26.70 -13.92 -19.54
CA GLN B 80 26.91 -14.88 -20.64
C GLN B 80 28.24 -15.63 -20.45
N ASN B 81 29.20 -15.01 -19.69
CA ASN B 81 30.52 -15.56 -19.36
C ASN B 81 30.47 -16.26 -17.99
N GLN B 82 29.27 -16.70 -17.56
CA GLN B 82 29.11 -17.41 -16.29
C GLN B 82 29.55 -16.61 -15.06
N GLY B 83 29.41 -15.29 -15.14
CA GLY B 83 29.81 -14.36 -14.10
C GLY B 83 31.31 -14.09 -14.05
N ASN B 84 31.92 -13.80 -15.20
CA ASN B 84 33.34 -13.49 -15.25
C ASN B 84 33.53 -12.10 -15.86
N TRP B 85 34.09 -11.18 -15.06
CA TRP B 85 34.32 -9.81 -15.48
C TRP B 85 35.71 -9.81 -16.08
N ILE B 86 35.76 -9.87 -17.41
CA ILE B 86 36.98 -10.00 -18.18
C ILE B 86 37.51 -8.63 -18.68
N LEU B 87 36.69 -7.58 -18.58
CA LEU B 87 37.07 -6.21 -18.96
C LEU B 87 37.88 -5.60 -17.81
N PRO B 88 38.50 -4.39 -17.94
CA PRO B 88 39.22 -3.82 -16.79
C PRO B 88 38.31 -3.53 -15.57
N LYS B 89 38.88 -3.65 -14.36
CA LYS B 89 38.23 -3.45 -13.06
C LYS B 89 37.38 -2.15 -12.98
N PHE B 90 37.94 -0.99 -13.42
CA PHE B 90 37.23 0.28 -13.30
CA PHE B 90 37.27 0.32 -13.40
C PHE B 90 35.91 0.28 -14.08
N LEU B 91 35.81 -0.50 -15.17
CA LEU B 91 34.54 -0.58 -15.91
C LEU B 91 33.46 -1.25 -15.10
N CYS B 92 33.84 -1.96 -14.04
CA CYS B 92 32.94 -2.65 -13.13
C CYS B 92 32.54 -1.66 -12.06
N ASN B 93 33.51 -0.81 -11.63
CA ASN B 93 33.30 0.27 -10.65
C ASN B 93 32.23 1.22 -11.18
N VAL B 94 32.40 1.66 -12.45
CA VAL B 94 31.52 2.55 -13.21
C VAL B 94 30.14 1.92 -13.38
N ALA B 95 30.08 0.63 -13.77
CA ALA B 95 28.84 -0.13 -13.97
C ALA B 95 28.00 -0.15 -12.69
N GLY B 96 28.63 -0.43 -11.56
CA GLY B 96 27.99 -0.49 -10.25
C GLY B 96 27.51 0.86 -9.79
N CYS B 97 28.37 1.87 -10.01
CA CYS B 97 28.14 3.30 -9.73
C CYS B 97 26.88 3.79 -10.45
N LEU B 98 26.76 3.51 -11.77
CA LEU B 98 25.64 3.93 -12.61
C LEU B 98 24.34 3.19 -12.34
N PHE B 99 24.42 2.01 -11.70
CA PHE B 99 23.25 1.24 -11.26
C PHE B 99 22.65 2.01 -10.06
N PHE B 100 23.52 2.37 -9.06
CA PHE B 100 23.12 3.16 -7.90
C PHE B 100 22.48 4.51 -8.32
N ILE B 101 23.04 5.17 -9.36
CA ILE B 101 22.54 6.45 -9.87
C ILE B 101 21.16 6.24 -10.44
N ASN B 102 21.00 5.27 -11.37
CA ASN B 102 19.69 4.97 -11.98
C ASN B 102 18.62 4.74 -10.93
N THR B 103 18.87 3.84 -9.96
CA THR B 103 17.91 3.50 -8.92
C THR B 103 17.46 4.69 -8.09
N TYR B 104 18.41 5.46 -7.52
CA TYR B 104 17.99 6.49 -6.59
C TYR B 104 17.63 7.81 -7.24
N CYS B 105 18.11 8.11 -8.46
CA CYS B 105 17.63 9.30 -9.16
C CYS B 105 16.19 8.99 -9.53
N SER B 106 15.89 7.74 -9.97
CA SER B 106 14.53 7.34 -10.28
C SER B 106 13.59 7.45 -9.09
N VAL B 107 14.05 7.03 -7.88
CA VAL B 107 13.30 7.13 -6.62
C VAL B 107 13.05 8.64 -6.29
N ALA B 108 14.09 9.49 -6.44
CA ALA B 108 14.08 10.94 -6.20
C ALA B 108 13.24 11.71 -7.19
N PHE B 109 13.42 11.48 -8.50
CA PHE B 109 12.64 12.18 -9.52
C PHE B 109 11.17 11.74 -9.53
N LEU B 110 10.85 10.47 -9.19
CA LEU B 110 9.45 10.04 -9.06
C LEU B 110 8.86 10.67 -7.80
N GLY B 111 9.68 10.78 -6.76
CA GLY B 111 9.29 11.40 -5.51
C GLY B 111 8.92 12.87 -5.67
N VAL B 112 9.75 13.61 -6.43
CA VAL B 112 9.57 15.03 -6.63
C VAL B 112 8.41 15.31 -7.63
N ILE B 113 8.19 14.42 -8.61
CA ILE B 113 7.04 14.51 -9.52
C ILE B 113 5.78 14.39 -8.67
N THR B 114 5.70 13.35 -7.82
CA THR B 114 4.59 13.12 -6.89
C THR B 114 4.31 14.34 -6.03
N TYR B 115 5.36 14.92 -5.37
CA TYR B 115 5.18 16.09 -4.51
C TYR B 115 4.63 17.30 -5.25
N ASN B 116 5.13 17.56 -6.48
CA ASN B 116 4.70 18.63 -7.38
C ASN B 116 3.22 18.47 -7.66
N ARG B 117 2.82 17.27 -8.11
CA ARG B 117 1.42 16.96 -8.42
C ARG B 117 0.53 17.04 -7.18
N TYR B 118 1.01 16.54 -6.01
CA TYR B 118 0.32 16.65 -4.71
C TYR B 118 0.08 18.12 -4.40
N GLN B 119 1.12 18.98 -4.42
CA GLN B 119 0.94 20.42 -4.19
C GLN B 119 0.00 21.06 -5.22
N ALA B 120 -0.01 20.58 -6.48
CA ALA B 120 -0.86 21.11 -7.54
C ALA B 120 -2.35 20.80 -7.33
N VAL B 121 -2.65 19.71 -6.61
CA VAL B 121 -4.01 19.21 -6.32
C VAL B 121 -4.48 19.70 -4.94
N THR B 122 -3.57 19.65 -3.96
CA THR B 122 -3.74 19.98 -2.55
C THR B 122 -3.69 21.50 -2.27
N ARG B 123 -2.90 22.25 -3.05
CA ARG B 123 -2.73 23.71 -2.93
C ARG B 123 -2.79 24.33 -4.35
N PRO B 124 -3.97 24.31 -5.06
CA PRO B 124 -4.01 24.81 -6.45
C PRO B 124 -3.99 26.34 -6.58
N ILE B 125 -2.90 26.98 -6.10
CA ILE B 125 -2.67 28.44 -6.14
C ILE B 125 -1.18 28.78 -6.16
N GLN B 129 4.60 33.49 -11.65
CA GLN B 129 5.91 33.56 -12.30
C GLN B 129 6.18 32.34 -13.19
N ALA B 130 6.98 32.56 -14.28
CA ALA B 130 7.40 31.53 -15.24
C ALA B 130 8.76 30.93 -14.81
N ASN B 131 9.25 31.36 -13.60
CA ASN B 131 10.50 30.93 -12.93
C ASN B 131 10.28 29.65 -12.11
N THR B 132 9.20 28.90 -12.45
CA THR B 132 8.81 27.59 -11.93
C THR B 132 9.81 26.57 -12.56
N ARG B 133 10.29 26.89 -13.80
CA ARG B 133 11.29 26.15 -14.57
C ARG B 133 12.61 26.22 -13.82
N LYS B 134 12.97 27.42 -13.31
CA LYS B 134 14.18 27.70 -12.52
C LYS B 134 14.24 26.82 -11.25
N ARG B 135 13.07 26.42 -10.72
CA ARG B 135 12.93 25.55 -9.55
C ARG B 135 13.15 24.07 -9.91
N GLY B 136 12.59 23.65 -11.05
CA GLY B 136 12.75 22.31 -11.59
C GLY B 136 14.22 22.02 -11.86
N ILE B 137 14.95 23.01 -12.42
CA ILE B 137 16.40 22.91 -12.69
C ILE B 137 17.19 22.92 -11.38
N SER B 138 16.83 23.82 -10.46
CA SER B 138 17.44 23.95 -9.15
C SER B 138 17.37 22.63 -8.36
N LEU B 139 16.17 22.01 -8.29
CA LEU B 139 15.94 20.74 -7.59
C LEU B 139 16.66 19.59 -8.23
N SER B 140 16.56 19.46 -9.57
CA SER B 140 17.19 18.40 -10.34
C SER B 140 18.70 18.35 -10.04
N LEU B 141 19.35 19.52 -10.00
CA LEU B 141 20.75 19.61 -9.64
C LEU B 141 21.03 19.11 -8.21
N VAL B 142 20.19 19.49 -7.22
CA VAL B 142 20.32 19.04 -5.80
C VAL B 142 20.30 17.50 -5.72
N ILE B 143 19.30 16.89 -6.36
CA ILE B 143 19.12 15.46 -6.45
C ILE B 143 20.34 14.82 -7.11
N TRP B 144 20.82 15.38 -8.25
CA TRP B 144 21.99 14.83 -8.95
C TRP B 144 23.24 14.85 -8.09
N VAL B 145 23.54 16.00 -7.44
CA VAL B 145 24.67 16.16 -6.53
C VAL B 145 24.56 15.17 -5.35
N ALA B 146 23.37 15.05 -4.77
CA ALA B 146 23.10 14.12 -3.66
C ALA B 146 23.38 12.67 -4.05
N ILE B 147 22.79 12.18 -5.17
CA ILE B 147 22.93 10.78 -5.62
C ILE B 147 24.30 10.50 -6.27
N VAL B 148 24.76 11.33 -7.25
CA VAL B 148 26.08 11.15 -7.89
C VAL B 148 27.20 11.21 -6.84
N GLY B 149 27.01 12.03 -5.81
CA GLY B 149 27.94 12.14 -4.71
C GLY B 149 28.03 10.85 -3.91
N ALA B 150 26.86 10.22 -3.61
CA ALA B 150 26.75 8.96 -2.86
C ALA B 150 27.27 7.78 -3.70
N ALA B 151 26.93 7.78 -5.02
CA ALA B 151 27.32 6.78 -6.03
C ALA B 151 28.80 6.78 -6.31
N SER B 152 29.49 7.89 -6.02
CA SER B 152 30.94 8.05 -6.25
C SER B 152 31.78 7.09 -5.44
N TYR B 153 31.27 6.66 -4.26
CA TYR B 153 31.92 5.71 -3.38
C TYR B 153 32.16 4.36 -4.06
N PHE B 154 31.33 4.02 -5.06
CA PHE B 154 31.46 2.79 -5.83
C PHE B 154 32.70 2.81 -6.70
N LEU B 155 33.25 4.02 -6.95
CA LEU B 155 34.44 4.24 -7.77
C LEU B 155 35.73 4.18 -6.96
N ILE B 156 35.64 4.08 -5.62
CA ILE B 156 36.82 4.00 -4.74
C ILE B 156 36.96 2.60 -4.09
N LEU B 157 35.98 1.72 -4.36
CA LEU B 157 35.91 0.35 -3.85
C LEU B 157 36.67 -0.63 -4.74
N ASP B 158 36.95 -1.83 -4.21
CA ASP B 158 37.55 -2.95 -4.96
C ASP B 158 36.33 -3.70 -5.52
N SER B 159 35.92 -3.35 -6.73
CA SER B 159 34.72 -3.91 -7.34
C SER B 159 34.76 -5.41 -7.60
N THR B 160 35.93 -5.91 -8.01
CA THR B 160 36.13 -7.31 -8.37
C THR B 160 36.85 -8.15 -7.32
N ASN B 161 36.66 -9.47 -7.40
CA ASN B 161 37.30 -10.49 -6.58
C ASN B 161 37.54 -11.69 -7.47
N THR B 162 38.73 -12.27 -7.39
CA THR B 162 39.11 -13.41 -8.20
C THR B 162 39.10 -14.70 -7.36
N VAL B 163 38.45 -15.74 -7.91
CA VAL B 163 38.31 -17.04 -7.25
C VAL B 163 38.65 -18.18 -8.21
N PRO B 164 39.20 -19.33 -7.75
CA PRO B 164 39.48 -20.43 -8.69
C PRO B 164 38.19 -21.04 -9.27
N ASP B 165 38.19 -21.33 -10.58
CA ASP B 165 37.04 -21.93 -11.26
C ASP B 165 36.75 -23.34 -10.71
N SER B 166 35.52 -23.85 -10.90
CA SER B 166 35.11 -25.18 -10.40
C SER B 166 35.77 -26.32 -11.19
N ALA B 167 35.99 -26.12 -12.52
CA ALA B 167 36.66 -27.01 -13.45
C ALA B 167 37.69 -26.20 -14.23
N GLY B 168 38.68 -26.90 -14.78
CA GLY B 168 39.74 -26.29 -15.55
C GLY B 168 40.86 -25.77 -14.70
N SER B 169 41.68 -24.87 -15.28
CA SER B 169 42.86 -24.25 -14.65
C SER B 169 42.59 -22.77 -14.37
N GLY B 170 41.42 -22.28 -14.78
CA GLY B 170 41.05 -20.89 -14.66
C GLY B 170 40.57 -20.35 -13.34
N ASP B 171 40.26 -19.05 -13.37
CA ASP B 171 39.73 -18.23 -12.30
C ASP B 171 38.40 -17.58 -12.78
N VAL B 172 37.65 -17.00 -11.85
CA VAL B 172 36.39 -16.32 -12.12
C VAL B 172 36.45 -14.98 -11.42
N THR B 173 36.15 -13.93 -12.14
CA THR B 173 36.22 -12.59 -11.59
C THR B 173 34.81 -12.01 -11.40
N ARG B 174 34.32 -12.04 -10.17
CA ARG B 174 33.00 -11.50 -9.87
C ARG B 174 33.04 -9.97 -9.82
N CYS B 175 31.89 -9.30 -10.06
CA CYS B 175 31.77 -7.84 -10.04
C CYS B 175 30.66 -7.45 -9.03
N PHE B 176 31.08 -6.78 -7.93
CA PHE B 176 30.24 -6.28 -6.82
C PHE B 176 29.33 -7.39 -6.21
N GLU B 177 29.92 -8.59 -6.05
CA GLU B 177 29.28 -9.77 -5.46
C GLU B 177 29.93 -10.10 -4.11
N HIS B 178 31.22 -9.74 -3.97
CA HIS B 178 32.04 -9.95 -2.78
C HIS B 178 31.73 -8.96 -1.68
N TYR B 179 31.44 -9.48 -0.49
CA TYR B 179 31.20 -8.71 0.72
C TYR B 179 32.12 -9.35 1.73
N GLU B 180 33.09 -8.59 2.28
CA GLU B 180 34.01 -9.11 3.29
C GLU B 180 33.16 -9.61 4.47
N LYS B 181 33.29 -10.91 4.82
CA LYS B 181 32.52 -11.56 5.90
C LYS B 181 32.52 -10.76 7.22
N GLY B 182 31.31 -10.37 7.62
CA GLY B 182 31.07 -9.59 8.84
C GLY B 182 31.42 -8.12 8.76
N SER B 183 31.15 -7.45 7.61
CA SER B 183 31.40 -6.02 7.43
C SER B 183 30.29 -5.20 8.07
N VAL B 184 30.71 -4.33 8.97
CA VAL B 184 29.84 -3.45 9.74
C VAL B 184 29.45 -2.21 8.90
N PRO B 185 30.37 -1.50 8.16
CA PRO B 185 29.91 -0.35 7.37
C PRO B 185 28.84 -0.75 6.36
N VAL B 186 29.02 -1.91 5.67
CA VAL B 186 28.07 -2.47 4.73
C VAL B 186 26.69 -2.56 5.38
N LEU B 187 26.58 -3.13 6.59
CA LEU B 187 25.29 -3.27 7.27
C LEU B 187 24.63 -1.94 7.59
N ILE B 188 25.38 -1.00 8.18
CA ILE B 188 24.90 0.35 8.50
C ILE B 188 24.41 1.10 7.21
N ILE B 189 25.22 1.06 6.11
CA ILE B 189 24.92 1.68 4.82
C ILE B 189 23.63 1.11 4.21
N HIS B 190 23.52 -0.21 4.20
CA HIS B 190 22.34 -0.93 3.70
C HIS B 190 21.14 -0.72 4.60
N ILE B 191 21.33 -0.47 5.92
CA ILE B 191 20.19 -0.22 6.80
C ILE B 191 19.66 1.19 6.53
N PHE B 192 20.57 2.18 6.53
CA PHE B 192 20.28 3.58 6.23
C PHE B 192 19.46 3.71 4.95
N ILE B 193 19.96 3.15 3.82
CA ILE B 193 19.34 3.21 2.49
C ILE B 193 17.92 2.64 2.48
N VAL B 194 17.69 1.48 3.11
CA VAL B 194 16.38 0.85 3.16
C VAL B 194 15.42 1.65 4.02
N PHE B 195 15.88 2.13 5.18
CA PHE B 195 15.04 2.94 6.05
C PHE B 195 14.73 4.28 5.36
N SER B 196 15.73 4.91 4.73
CA SER B 196 15.53 6.13 3.93
C SER B 196 14.56 5.87 2.76
N PHE B 197 14.58 4.63 2.18
CA PHE B 197 13.71 4.30 1.06
C PHE B 197 12.30 4.19 1.52
N PHE B 198 12.02 3.38 2.54
CA PHE B 198 10.63 3.23 2.94
C PHE B 198 10.04 4.50 3.57
N LEU B 199 10.91 5.43 4.04
CA LEU B 199 10.52 6.73 4.57
C LEU B 199 10.03 7.53 3.35
N VAL B 200 10.82 7.52 2.25
CA VAL B 200 10.48 8.17 0.97
C VAL B 200 9.22 7.53 0.33
N PHE B 201 9.13 6.20 0.36
CA PHE B 201 8.00 5.42 -0.15
C PHE B 201 6.70 5.74 0.57
N LEU B 202 6.77 5.92 1.89
CA LEU B 202 5.61 6.27 2.69
C LEU B 202 5.07 7.65 2.29
N ILE B 203 5.98 8.65 2.07
CA ILE B 203 5.64 10.02 1.62
C ILE B 203 4.96 9.91 0.25
N ILE B 204 5.59 9.21 -0.71
CA ILE B 204 5.02 8.98 -2.04
C ILE B 204 3.65 8.33 -1.94
N LEU B 205 3.51 7.27 -1.12
CA LEU B 205 2.24 6.52 -0.97
C LEU B 205 1.14 7.40 -0.44
N PHE B 206 1.44 8.20 0.60
CA PHE B 206 0.50 9.11 1.20
C PHE B 206 0.05 10.17 0.16
N CYS B 207 1.03 10.92 -0.43
CA CYS B 207 0.77 11.95 -1.42
C CYS B 207 -0.07 11.47 -2.58
N ASN B 208 0.34 10.37 -3.25
CA ASN B 208 -0.44 9.79 -4.36
C ASN B 208 -1.80 9.24 -3.93
N LEU B 209 -1.94 8.82 -2.67
CA LEU B 209 -3.24 8.35 -2.24
C LEU B 209 -4.18 9.54 -1.95
N VAL B 210 -3.61 10.71 -1.56
CA VAL B 210 -4.41 11.93 -1.35
C VAL B 210 -4.93 12.39 -2.73
N ILE B 211 -4.02 12.60 -3.71
CA ILE B 211 -4.34 12.99 -5.10
C ILE B 211 -5.47 12.08 -5.61
N ILE B 212 -5.26 10.74 -5.59
CA ILE B 212 -6.26 9.73 -5.99
C ILE B 212 -7.58 9.94 -5.22
N ARG B 213 -7.53 9.94 -3.85
CA ARG B 213 -8.72 10.11 -3.00
C ARG B 213 -9.53 11.33 -3.37
N THR B 214 -8.84 12.47 -3.56
CA THR B 214 -9.39 13.78 -3.87
C THR B 214 -10.10 13.77 -5.21
N LEU B 215 -9.42 13.25 -6.25
CA LEU B 215 -9.85 13.25 -7.65
C LEU B 215 -10.73 12.08 -8.06
N LEU B 216 -10.92 11.07 -7.19
CA LEU B 216 -11.75 9.89 -7.39
C LEU B 216 -13.12 10.18 -6.80
N MET B 217 -13.13 10.52 -5.50
CA MET B 217 -14.32 10.88 -4.75
C MET B 217 -14.90 12.24 -5.23
N GLN B 218 -16.02 12.16 -6.00
CA GLN B 218 -16.78 13.29 -6.57
C GLN B 218 -17.53 14.12 -5.48
N PRO B 219 -17.30 15.46 -5.42
CA PRO B 219 -17.98 16.28 -4.40
C PRO B 219 -19.47 16.13 -4.43
N VAL B 220 -20.06 16.07 -3.24
CA VAL B 220 -21.51 15.99 -3.04
C VAL B 220 -21.97 17.08 -2.08
N ASN B 221 -21.04 17.96 -1.67
CA ASN B 221 -21.25 19.10 -0.78
C ASN B 221 -20.21 20.18 -1.06
N ILE B 222 -20.37 21.38 -0.45
CA ILE B 222 -19.51 22.57 -0.61
C ILE B 222 -18.08 22.36 -0.08
N PHE B 223 -17.89 21.47 0.92
CA PHE B 223 -16.58 21.22 1.49
C PHE B 223 -15.70 20.48 0.51
N GLU B 224 -16.23 19.39 -0.06
CA GLU B 224 -15.59 18.56 -1.07
C GLU B 224 -15.37 19.38 -2.36
N MET B 225 -16.36 20.25 -2.71
CA MET B 225 -16.31 21.15 -3.88
C MET B 225 -15.14 22.15 -3.74
N LEU B 226 -15.02 22.79 -2.56
CA LEU B 226 -13.96 23.76 -2.36
C LEU B 226 -12.59 23.11 -2.16
N ARG B 227 -12.56 21.78 -1.92
CA ARG B 227 -11.31 21.04 -1.77
C ARG B 227 -10.66 20.88 -3.13
N ILE B 228 -11.47 20.70 -4.20
CA ILE B 228 -10.94 20.60 -5.56
C ILE B 228 -10.39 21.97 -6.06
N ASP B 229 -11.21 23.04 -5.93
CA ASP B 229 -10.93 24.38 -6.40
C ASP B 229 -9.94 25.18 -5.58
N GLU B 230 -9.98 25.06 -4.24
CA GLU B 230 -9.10 25.85 -3.36
C GLU B 230 -7.99 25.03 -2.69
N GLY B 231 -8.25 23.75 -2.48
CA GLY B 231 -7.34 22.83 -1.81
C GLY B 231 -7.57 22.65 -0.32
N GLY B 232 -6.86 21.69 0.25
CA GLY B 232 -6.92 21.34 1.66
C GLY B 232 -5.97 20.20 1.98
N GLY B 233 -5.07 20.44 2.94
CA GLY B 233 -4.05 19.48 3.37
C GLY B 233 -4.53 18.24 4.10
N SER B 234 -4.01 17.05 3.67
CA SER B 234 -4.29 15.69 4.19
C SER B 234 -5.81 15.33 4.23
N GLY B 235 -6.15 14.23 4.91
CA GLY B 235 -7.51 13.74 5.04
C GLY B 235 -8.02 13.61 6.47
N GLY B 236 -8.76 14.63 6.92
CA GLY B 236 -9.34 14.68 8.25
C GLY B 236 -10.83 14.97 8.30
N ASP B 237 -11.48 14.57 9.42
CA ASP B 237 -12.92 14.78 9.73
C ASP B 237 -13.14 15.77 10.89
N GLU B 238 -12.10 15.99 11.73
CA GLU B 238 -12.15 16.91 12.86
C GLU B 238 -11.71 18.31 12.44
N GLU B 240 -13.43 18.32 7.71
CA GLU B 240 -14.64 18.92 7.13
C GLU B 240 -15.46 19.63 8.19
N LYS B 241 -15.00 19.64 9.46
CA LYS B 241 -15.67 20.29 10.60
C LYS B 241 -15.11 21.71 10.82
N LEU B 242 -13.76 21.90 10.63
CA LEU B 242 -13.09 23.20 10.73
C LEU B 242 -13.49 24.08 9.53
N PHE B 243 -13.55 23.47 8.33
CA PHE B 243 -13.92 24.11 7.07
C PHE B 243 -15.38 24.50 7.05
N ASN B 244 -16.21 23.76 7.81
CA ASN B 244 -17.63 24.00 7.99
C ASN B 244 -17.80 25.37 8.66
N GLN B 245 -16.91 25.67 9.64
CA GLN B 245 -16.88 26.92 10.40
C GLN B 245 -16.66 28.15 9.50
N ASP B 246 -15.71 28.03 8.54
CA ASP B 246 -15.33 29.03 7.53
C ASP B 246 -16.49 29.32 6.56
N VAL B 247 -17.25 28.26 6.17
CA VAL B 247 -18.42 28.29 5.27
C VAL B 247 -19.59 28.95 6.00
N ASP B 248 -19.83 28.56 7.26
CA ASP B 248 -20.91 29.10 8.07
C ASP B 248 -20.72 30.60 8.29
N ALA B 249 -19.47 31.03 8.51
CA ALA B 249 -19.09 32.43 8.69
C ALA B 249 -19.28 33.23 7.39
N ALA B 250 -19.05 32.55 6.23
CA ALA B 250 -19.19 33.09 4.89
C ALA B 250 -20.68 33.26 4.61
N VAL B 251 -21.51 32.24 4.89
CA VAL B 251 -22.97 32.32 4.72
C VAL B 251 -23.58 33.43 5.61
N ARG B 252 -23.11 33.54 6.86
CA ARG B 252 -23.57 34.54 7.81
C ARG B 252 -23.42 35.93 7.20
N GLY B 253 -22.24 36.23 6.63
CA GLY B 253 -21.95 37.49 5.96
C GLY B 253 -22.75 37.71 4.68
N ILE B 254 -22.88 36.67 3.81
CA ILE B 254 -23.67 36.73 2.56
C ILE B 254 -25.10 37.24 2.91
N LEU B 255 -25.76 36.61 3.92
CA LEU B 255 -27.11 36.95 4.40
C LEU B 255 -27.21 38.35 5.03
N ARG B 256 -26.08 38.83 5.56
CA ARG B 256 -25.91 40.16 6.14
C ARG B 256 -25.61 41.22 5.02
N ASN B 257 -25.71 40.81 3.72
CA ASN B 257 -25.42 41.63 2.54
C ASN B 257 -26.66 41.73 1.69
N ALA B 258 -27.26 42.94 1.63
CA ALA B 258 -28.49 43.24 0.92
C ALA B 258 -28.47 42.95 -0.57
N LYS B 259 -27.26 42.92 -1.16
CA LYS B 259 -27.02 42.65 -2.58
C LYS B 259 -27.01 41.14 -2.84
N LEU B 260 -26.51 40.35 -1.84
CA LEU B 260 -26.35 38.90 -1.93
C LEU B 260 -27.45 38.09 -1.27
N LYS B 261 -28.15 38.65 -0.25
CA LYS B 261 -29.20 37.94 0.49
C LYS B 261 -30.39 37.51 -0.40
N PRO B 262 -31.08 38.38 -1.19
CA PRO B 262 -32.19 37.90 -2.03
C PRO B 262 -31.86 36.70 -2.92
N VAL B 263 -30.70 36.72 -3.59
CA VAL B 263 -30.24 35.66 -4.49
C VAL B 263 -29.98 34.38 -3.70
N TYR B 264 -29.21 34.49 -2.60
CA TYR B 264 -28.85 33.37 -1.78
C TYR B 264 -30.10 32.63 -1.27
N ASP B 265 -31.02 33.36 -0.63
CA ASP B 265 -32.26 32.83 -0.11
C ASP B 265 -33.08 32.10 -1.16
N SER B 266 -33.10 32.65 -2.40
CA SER B 266 -33.85 32.12 -3.55
C SER B 266 -33.29 30.78 -4.13
N LEU B 267 -31.98 30.54 -3.95
CA LEU B 267 -31.25 29.40 -4.50
C LEU B 267 -31.39 28.10 -3.74
N ASP B 268 -31.23 26.99 -4.47
CA ASP B 268 -31.22 25.65 -3.90
C ASP B 268 -29.82 25.36 -3.28
N ALA B 269 -29.66 24.29 -2.49
CA ALA B 269 -28.40 24.00 -1.82
C ALA B 269 -27.19 23.84 -2.74
N VAL B 270 -27.33 23.20 -3.91
CA VAL B 270 -26.20 23.05 -4.86
C VAL B 270 -25.77 24.42 -5.43
N ARG B 271 -26.74 25.27 -5.80
CA ARG B 271 -26.50 26.60 -6.37
C ARG B 271 -25.96 27.60 -5.35
N ARG B 272 -26.35 27.41 -4.07
CA ARG B 272 -25.87 28.19 -2.93
C ARG B 272 -24.37 27.95 -2.77
N ALA B 273 -23.92 26.67 -2.91
CA ALA B 273 -22.52 26.27 -2.87
C ALA B 273 -21.75 26.97 -3.98
N ALA B 274 -22.28 27.02 -5.23
CA ALA B 274 -21.61 27.76 -6.31
C ALA B 274 -21.42 29.25 -5.93
N LEU B 275 -22.46 29.88 -5.31
CA LEU B 275 -22.36 31.27 -4.89
C LEU B 275 -21.31 31.41 -3.80
N ILE B 276 -21.31 30.46 -2.81
CA ILE B 276 -20.33 30.40 -1.70
C ILE B 276 -18.93 30.26 -2.28
N ASN B 277 -18.76 29.40 -3.29
CA ASN B 277 -17.49 29.17 -3.98
C ASN B 277 -16.95 30.48 -4.55
N MET B 278 -17.83 31.25 -5.24
CA MET B 278 -17.52 32.53 -5.87
C MET B 278 -17.03 33.49 -4.82
N VAL B 279 -17.70 33.49 -3.67
CA VAL B 279 -17.41 34.34 -2.52
C VAL B 279 -16.08 33.93 -1.91
N PHE B 280 -15.78 32.64 -1.89
CA PHE B 280 -14.49 32.20 -1.36
C PHE B 280 -13.36 32.70 -2.27
N GLN B 281 -13.59 32.68 -3.60
CA GLN B 281 -12.65 33.16 -4.60
C GLN B 281 -12.46 34.68 -4.61
N MET B 282 -13.55 35.46 -4.82
CA MET B 282 -13.52 36.93 -4.95
C MET B 282 -14.21 37.75 -3.83
N GLY B 283 -14.76 37.09 -2.83
CA GLY B 283 -15.44 37.74 -1.72
C GLY B 283 -16.79 38.37 -2.04
N GLU B 284 -17.53 38.76 -0.97
CA GLU B 284 -18.81 39.44 -1.00
C GLU B 284 -18.71 40.63 -1.96
N THR B 285 -17.60 41.40 -1.87
CA THR B 285 -17.27 42.58 -2.69
C THR B 285 -17.31 42.25 -4.19
N GLY B 286 -16.67 41.14 -4.55
CA GLY B 286 -16.57 40.68 -5.92
C GLY B 286 -17.89 40.23 -6.51
N VAL B 287 -18.58 39.36 -5.76
CA VAL B 287 -19.84 38.72 -6.14
C VAL B 287 -20.99 39.74 -6.16
N ALA B 288 -20.94 40.76 -5.26
CA ALA B 288 -21.94 41.83 -5.16
C ALA B 288 -21.91 42.75 -6.39
N GLY B 289 -20.84 42.64 -7.19
CA GLY B 289 -20.67 43.37 -8.43
C GLY B 289 -21.11 42.60 -9.67
N PHE B 290 -21.98 41.60 -9.48
CA PHE B 290 -22.56 40.77 -10.53
C PHE B 290 -24.07 40.91 -10.42
N THR B 291 -24.54 42.16 -10.27
CA THR B 291 -25.96 42.52 -10.13
C THR B 291 -26.84 41.82 -11.13
N ASN B 292 -26.52 41.97 -12.43
CA ASN B 292 -27.30 41.42 -13.56
C ASN B 292 -27.34 39.89 -13.56
N SER B 293 -26.15 39.24 -13.47
CA SER B 293 -26.00 37.78 -13.41
C SER B 293 -26.73 37.21 -12.19
N LEU B 294 -26.60 37.88 -11.02
CA LEU B 294 -27.28 37.51 -9.78
C LEU B 294 -28.81 37.63 -9.89
N ARG B 295 -29.30 38.64 -10.64
CA ARG B 295 -30.74 38.84 -10.87
C ARG B 295 -31.30 37.68 -11.74
N MET B 296 -30.52 37.20 -12.72
CA MET B 296 -30.90 36.09 -13.59
C MET B 296 -31.00 34.82 -12.76
N LEU B 297 -30.12 34.68 -11.76
CA LEU B 297 -30.14 33.54 -10.83
C LEU B 297 -31.38 33.62 -9.89
N GLN B 298 -31.64 34.80 -9.29
CA GLN B 298 -32.79 35.02 -8.42
C GLN B 298 -34.10 34.68 -9.13
N GLN B 299 -34.18 34.97 -10.45
CA GLN B 299 -35.32 34.71 -11.32
C GLN B 299 -35.27 33.33 -11.98
N LYS B 300 -34.31 32.47 -11.59
CA LYS B 300 -34.18 31.10 -12.09
C LYS B 300 -33.96 31.01 -13.62
N ARG B 301 -33.22 31.99 -14.16
CA ARG B 301 -32.86 32.11 -15.56
C ARG B 301 -31.46 31.56 -15.72
N TRP B 302 -31.32 30.24 -15.45
CA TRP B 302 -30.09 29.46 -15.43
C TRP B 302 -29.22 29.64 -16.66
N ASP B 303 -29.71 29.33 -17.88
CA ASP B 303 -28.90 29.48 -19.10
C ASP B 303 -28.44 30.93 -19.36
N GLU B 304 -29.33 31.93 -19.17
CA GLU B 304 -29.03 33.37 -19.32
C GLU B 304 -27.93 33.82 -18.35
N ALA B 305 -28.06 33.38 -17.07
CA ALA B 305 -27.13 33.63 -15.98
C ALA B 305 -25.78 33.06 -16.33
N ALA B 306 -25.75 31.78 -16.75
CA ALA B 306 -24.55 31.05 -17.16
C ALA B 306 -23.78 31.75 -18.29
N VAL B 307 -24.52 32.23 -19.32
CA VAL B 307 -23.97 32.97 -20.45
C VAL B 307 -23.39 34.32 -19.99
N ASN B 308 -24.14 35.05 -19.16
CA ASN B 308 -23.69 36.34 -18.62
C ASN B 308 -22.48 36.22 -17.70
N LEU B 309 -22.39 35.09 -16.96
CA LEU B 309 -21.31 34.79 -16.03
C LEU B 309 -19.99 34.56 -16.76
N ALA B 310 -20.06 33.95 -17.98
CA ALA B 310 -18.94 33.69 -18.90
C ALA B 310 -18.37 34.99 -19.54
N LYS B 311 -19.14 36.10 -19.48
CA LYS B 311 -18.74 37.40 -20.04
C LYS B 311 -18.00 38.28 -18.99
N SER B 312 -17.48 37.66 -17.90
CA SER B 312 -16.78 38.40 -16.83
C SER B 312 -15.25 38.24 -16.90
N ARG B 313 -14.49 39.03 -16.10
CA ARG B 313 -13.02 38.91 -16.06
C ARG B 313 -12.62 37.63 -15.31
N TRP B 314 -13.48 37.17 -14.37
CA TRP B 314 -13.38 35.94 -13.57
C TRP B 314 -13.14 34.75 -14.50
N TYR B 315 -13.94 34.67 -15.56
CA TYR B 315 -13.86 33.63 -16.57
C TYR B 315 -12.54 33.69 -17.33
N ASN B 316 -12.01 34.90 -17.59
CA ASN B 316 -10.77 35.06 -18.31
C ASN B 316 -9.63 34.65 -17.41
N GLN B 317 -9.62 35.18 -16.16
CA GLN B 317 -8.62 34.94 -15.14
C GLN B 317 -8.53 33.49 -14.68
N THR B 318 -9.64 32.81 -14.29
CA THR B 318 -9.61 31.40 -13.86
C THR B 318 -10.66 30.62 -14.62
N PRO B 319 -10.39 30.26 -15.89
CA PRO B 319 -11.44 29.61 -16.72
C PRO B 319 -11.96 28.26 -16.24
N ASN B 320 -11.09 27.35 -15.75
CA ASN B 320 -11.50 26.00 -15.33
C ASN B 320 -12.40 26.00 -14.09
N ARG B 321 -12.06 26.82 -13.08
CA ARG B 321 -12.89 26.98 -11.89
C ARG B 321 -14.20 27.69 -12.29
N ALA B 322 -14.10 28.76 -13.11
CA ALA B 322 -15.27 29.50 -13.55
C ALA B 322 -16.22 28.55 -14.28
N LYS B 323 -15.68 27.76 -15.23
CA LYS B 323 -16.51 26.81 -15.98
C LYS B 323 -17.23 25.87 -15.03
N ARG B 324 -16.50 25.33 -14.03
CA ARG B 324 -17.08 24.44 -13.03
C ARG B 324 -18.17 25.10 -12.21
N VAL B 325 -17.98 26.35 -11.78
CA VAL B 325 -18.97 27.04 -10.94
C VAL B 325 -20.19 27.46 -11.76
N ILE B 326 -19.97 27.98 -12.95
CA ILE B 326 -21.03 28.38 -13.87
C ILE B 326 -21.93 27.17 -14.18
N THR B 327 -21.33 25.99 -14.44
CA THR B 327 -22.06 24.73 -14.71
C THR B 327 -22.97 24.33 -13.55
N THR B 328 -22.47 24.49 -12.31
CA THR B 328 -23.17 24.19 -11.06
C THR B 328 -24.39 25.16 -10.95
N PHE B 329 -24.22 26.42 -11.38
CA PHE B 329 -25.31 27.40 -11.40
C PHE B 329 -26.33 27.04 -12.50
N ARG B 330 -25.87 26.68 -13.69
CA ARG B 330 -26.73 26.31 -14.81
C ARG B 330 -27.59 25.05 -14.58
N THR B 331 -26.99 23.99 -13.99
CA THR B 331 -27.61 22.66 -13.83
C THR B 331 -28.14 22.32 -12.43
N GLY B 332 -27.59 22.92 -11.38
CA GLY B 332 -28.00 22.62 -10.01
C GLY B 332 -27.53 21.26 -9.54
N THR B 333 -26.55 20.66 -10.24
CA THR B 333 -25.98 19.34 -9.96
C THR B 333 -24.45 19.43 -9.81
N TRP B 334 -23.82 18.33 -9.30
CA TRP B 334 -22.37 18.27 -9.08
C TRP B 334 -21.56 17.69 -10.26
N ASP B 335 -22.19 17.49 -11.45
CA ASP B 335 -21.56 16.95 -12.67
C ASP B 335 -20.26 17.64 -13.11
N ALA B 336 -20.17 18.96 -12.86
CA ALA B 336 -18.99 19.76 -13.20
C ALA B 336 -17.73 19.28 -12.49
N TYR B 337 -17.89 18.59 -11.34
CA TYR B 337 -16.84 18.06 -10.45
C TYR B 337 -16.71 16.52 -10.48
N ALA B 338 -17.24 15.87 -11.54
CA ALA B 338 -17.26 14.41 -11.70
C ALA B 338 -15.93 13.82 -12.20
N GLU B 339 -15.32 14.46 -13.20
CA GLU B 339 -14.04 13.99 -13.74
C GLU B 339 -13.03 15.15 -13.82
N VAL B 340 -12.62 15.65 -12.65
CA VAL B 340 -11.65 16.75 -12.53
C VAL B 340 -10.22 16.18 -12.54
N LYS B 341 -9.26 17.00 -13.00
CA LYS B 341 -7.81 16.79 -13.10
C LYS B 341 -7.41 15.29 -13.31
N ARG B 342 -7.83 14.71 -14.45
CA ARG B 342 -7.57 13.30 -14.79
C ARG B 342 -6.11 13.03 -15.14
N ARG B 343 -5.38 14.06 -15.63
CA ARG B 343 -3.95 13.99 -15.92
C ARG B 343 -3.23 13.65 -14.62
N ASP B 344 -3.63 14.32 -13.52
CA ASP B 344 -3.10 14.13 -12.17
C ASP B 344 -3.53 12.79 -11.57
N LEU B 345 -4.82 12.40 -11.71
CA LEU B 345 -5.31 11.12 -11.19
C LEU B 345 -4.53 9.95 -11.80
N TRP B 346 -4.28 9.99 -13.12
CA TRP B 346 -3.57 8.90 -13.76
C TRP B 346 -2.07 8.92 -13.46
N MET B 347 -1.46 10.11 -13.32
CA MET B 347 -0.06 10.30 -12.92
C MET B 347 0.22 9.60 -11.59
N ALA B 348 -0.66 9.84 -10.58
CA ALA B 348 -0.64 9.27 -9.23
C ALA B 348 -0.64 7.74 -9.22
N CYS B 349 -1.47 7.13 -10.10
CA CYS B 349 -1.59 5.68 -10.25
C CYS B 349 -0.31 5.10 -10.86
N THR B 350 0.19 5.72 -11.93
CA THR B 350 1.38 5.33 -12.68
C THR B 350 2.66 5.37 -11.84
N VAL B 351 2.88 6.43 -11.06
CA VAL B 351 4.01 6.57 -10.14
C VAL B 351 3.92 5.50 -9.05
N LEU B 352 2.72 5.20 -8.59
CA LEU B 352 2.55 4.14 -7.58
C LEU B 352 2.84 2.77 -8.18
N ALA B 353 2.41 2.54 -9.44
CA ALA B 353 2.67 1.29 -10.15
C ALA B 353 4.19 1.10 -10.28
N VAL B 354 4.91 2.06 -10.94
CA VAL B 354 6.39 2.07 -11.09
C VAL B 354 7.12 1.88 -9.73
N PHE B 355 6.63 2.48 -8.64
CA PHE B 355 7.22 2.33 -7.31
C PHE B 355 7.04 0.95 -6.69
N ILE B 356 5.79 0.44 -6.64
CA ILE B 356 5.47 -0.85 -6.02
C ILE B 356 6.02 -2.01 -6.87
N ILE B 357 6.01 -1.87 -8.20
CA ILE B 357 6.53 -2.91 -9.09
C ILE B 357 8.07 -2.97 -9.03
N CYS B 358 8.77 -1.90 -9.47
CA CYS B 358 10.21 -1.87 -9.60
C CYS B 358 11.02 -1.79 -8.30
N PHE B 359 10.74 -0.77 -7.45
CA PHE B 359 11.55 -0.44 -6.27
C PHE B 359 11.24 -1.15 -4.95
N VAL B 360 9.95 -1.40 -4.63
CA VAL B 360 9.60 -2.01 -3.33
C VAL B 360 10.12 -3.45 -3.21
N PRO B 361 9.86 -4.40 -4.19
CA PRO B 361 10.38 -5.77 -4.05
C PRO B 361 11.86 -5.83 -3.71
N HIS B 362 12.71 -5.13 -4.52
CA HIS B 362 14.15 -5.02 -4.33
C HIS B 362 14.53 -4.53 -2.93
N HIS B 363 13.80 -3.54 -2.42
CA HIS B 363 14.10 -2.97 -1.12
C HIS B 363 13.60 -3.81 0.05
N VAL B 364 12.63 -4.73 -0.20
CA VAL B 364 12.13 -5.67 0.83
C VAL B 364 13.24 -6.75 1.02
N VAL B 365 13.64 -7.38 -0.09
CA VAL B 365 14.66 -8.43 -0.25
C VAL B 365 16.11 -7.96 0.08
N GLN B 366 16.43 -6.67 -0.02
CA GLN B 366 17.77 -6.11 0.20
C GLN B 366 18.41 -6.42 1.59
N LEU B 367 17.78 -6.02 2.72
CA LEU B 367 18.38 -6.27 4.05
C LEU B 367 18.57 -7.76 4.39
N PRO B 368 17.60 -8.68 4.22
CA PRO B 368 17.90 -10.10 4.51
C PRO B 368 18.99 -10.71 3.60
N TRP B 369 19.06 -10.28 2.33
CA TRP B 369 20.07 -10.75 1.37
C TRP B 369 21.48 -10.28 1.74
N THR B 370 21.63 -9.06 2.28
CA THR B 370 22.93 -8.51 2.69
C THR B 370 23.44 -9.29 3.90
N LEU B 371 22.52 -9.65 4.81
CA LEU B 371 22.79 -10.44 6.03
C LEU B 371 23.23 -11.85 5.68
N ALA B 372 22.62 -12.44 4.63
CA ALA B 372 22.96 -13.76 4.10
C ALA B 372 24.34 -13.70 3.45
N GLU B 373 24.62 -12.59 2.71
CA GLU B 373 25.87 -12.31 1.99
C GLU B 373 27.01 -11.81 2.90
N LEU B 374 26.73 -11.58 4.19
CA LEU B 374 27.74 -11.23 5.20
C LEU B 374 27.89 -12.49 6.11
N GLY B 375 27.16 -13.54 5.74
CA GLY B 375 27.13 -14.85 6.38
C GLY B 375 26.22 -15.05 7.57
N PHE B 376 25.62 -13.95 8.11
CA PHE B 376 24.77 -13.98 9.29
C PHE B 376 23.48 -14.85 9.16
N GLN B 377 23.24 -15.47 7.98
CA GLN B 377 22.06 -16.33 7.77
C GLN B 377 22.48 -17.71 7.23
N ASP B 378 21.70 -18.76 7.58
CA ASP B 378 21.91 -20.17 7.20
C ASP B 378 21.86 -20.42 5.68
N SER B 379 22.55 -21.49 5.22
CA SER B 379 22.70 -21.95 3.83
C SER B 379 21.37 -22.23 3.08
N LYS B 380 20.36 -22.78 3.77
CA LYS B 380 19.04 -23.10 3.18
C LYS B 380 18.27 -21.83 2.82
N PHE B 381 18.33 -20.80 3.71
CA PHE B 381 17.71 -19.49 3.51
C PHE B 381 18.53 -18.65 2.53
N HIS B 382 19.89 -18.61 2.73
CA HIS B 382 20.86 -17.90 1.88
C HIS B 382 20.63 -18.20 0.41
N GLN B 383 20.26 -19.45 0.09
CA GLN B 383 19.99 -19.90 -1.27
C GLN B 383 18.65 -19.37 -1.76
N ALA B 384 17.62 -19.34 -0.90
CA ALA B 384 16.26 -18.85 -1.25
C ALA B 384 16.22 -17.33 -1.47
N ILE B 385 16.84 -16.56 -0.54
CA ILE B 385 16.92 -15.10 -0.61
C ILE B 385 17.80 -14.63 -1.79
N ASN B 386 18.78 -15.46 -2.22
CA ASN B 386 19.64 -15.15 -3.37
C ASN B 386 18.85 -15.24 -4.65
N ASP B 387 17.99 -16.26 -4.78
CA ASP B 387 17.13 -16.47 -5.95
C ASP B 387 16.17 -15.29 -6.08
N ALA B 388 15.55 -14.90 -4.94
CA ALA B 388 14.63 -13.77 -4.82
C ALA B 388 15.32 -12.54 -5.31
N HIS B 389 16.57 -12.28 -4.81
CA HIS B 389 17.41 -11.15 -5.18
C HIS B 389 17.62 -10.97 -6.68
N GLN B 390 17.78 -12.06 -7.42
CA GLN B 390 17.97 -12.00 -8.88
C GLN B 390 16.70 -11.51 -9.55
N VAL B 391 15.53 -11.84 -8.97
CA VAL B 391 14.23 -11.45 -9.50
C VAL B 391 13.96 -9.95 -9.28
N THR B 392 14.24 -9.45 -8.07
CA THR B 392 14.07 -8.03 -7.72
C THR B 392 15.01 -7.12 -8.52
N LEU B 393 16.24 -7.60 -8.80
CA LEU B 393 17.26 -6.91 -9.60
C LEU B 393 16.78 -6.72 -11.04
N CYS B 394 15.90 -7.64 -11.50
CA CYS B 394 15.29 -7.62 -12.83
C CYS B 394 14.11 -6.69 -12.84
N LEU B 395 13.33 -6.70 -11.72
CA LEU B 395 12.16 -5.85 -11.50
C LEU B 395 12.56 -4.39 -11.51
N LEU B 396 13.66 -4.08 -10.81
CA LEU B 396 14.29 -2.78 -10.66
C LEU B 396 14.80 -2.26 -11.99
N SER B 397 15.11 -3.18 -12.92
CA SER B 397 15.61 -2.82 -14.25
C SER B 397 14.48 -2.47 -15.21
N THR B 398 13.26 -2.96 -14.91
CA THR B 398 12.09 -2.67 -15.73
C THR B 398 11.72 -1.19 -15.63
N ASN B 399 12.27 -0.49 -14.62
CA ASN B 399 12.07 0.94 -14.38
C ASN B 399 12.40 1.79 -15.63
N CYS B 400 13.43 1.42 -16.40
CA CYS B 400 13.87 2.12 -17.63
C CYS B 400 12.91 1.91 -18.78
N VAL B 401 12.03 0.92 -18.65
CA VAL B 401 11.05 0.58 -19.67
C VAL B 401 9.67 1.11 -19.19
N LEU B 402 9.42 1.06 -17.87
CA LEU B 402 8.18 1.49 -17.25
C LEU B 402 8.11 2.97 -16.98
N ASN B 403 9.12 3.58 -16.31
CA ASN B 403 9.08 5.01 -15.97
C ASN B 403 8.84 5.94 -17.22
N PRO B 404 9.23 5.63 -18.50
CA PRO B 404 8.89 6.53 -19.61
C PRO B 404 7.37 6.72 -19.86
N VAL B 405 6.52 5.79 -19.36
CA VAL B 405 5.05 5.83 -19.50
C VAL B 405 4.45 7.11 -18.92
N ILE B 406 5.06 7.67 -17.86
CA ILE B 406 4.62 8.91 -17.20
C ILE B 406 4.49 10.08 -18.20
N TYR B 407 5.25 10.07 -19.32
CA TYR B 407 5.20 11.12 -20.36
C TYR B 407 3.82 11.29 -21.00
N CYS B 408 2.94 10.28 -20.86
CA CYS B 408 1.56 10.31 -21.36
C CYS B 408 0.71 11.40 -20.69
N PHE B 409 1.15 11.92 -19.53
CA PHE B 409 0.55 13.02 -18.78
C PHE B 409 0.72 14.28 -19.64
N LEU B 410 1.94 14.51 -20.17
CA LEU B 410 2.29 15.65 -21.02
C LEU B 410 1.63 15.63 -22.40
N THR B 411 1.69 14.48 -23.10
CA THR B 411 1.13 14.32 -24.44
C THR B 411 -0.41 14.13 -24.35
N LYS B 412 -0.91 12.89 -24.12
CA LYS B 412 -2.33 12.51 -24.05
C LYS B 412 -3.24 13.43 -23.23
N LYS B 413 -4.48 13.63 -23.76
CA LYS B 413 -5.59 14.41 -23.16
C LYS B 413 -6.76 13.44 -22.83
N PHE B 414 -7.61 13.78 -21.84
CA PHE B 414 -8.71 12.90 -21.44
C PHE B 414 -10.06 13.29 -22.05
CAB 9EU C . -18.36 -5.31 13.14
CAX 9EU C . -17.61 -6.59 13.49
NAU 9EU C . -18.10 -7.81 13.31
CBD 9EU C . -17.17 -8.68 13.70
CAP 9EU C . -17.19 -10.02 13.72
NAT 9EU C . -16.07 -10.72 14.18
CAJ 9EU C . -14.95 -10.01 14.65
CAO 9EU C . -15.01 -8.62 14.61
CBE 9EU C . -16.10 -7.99 14.14
NBJ 9EU C . -16.35 -6.68 13.95
CAS 9EU C . -15.45 -5.53 14.33
CBB 9EU C . -14.30 -5.39 13.56
CAY 9EU C . -13.09 -5.12 14.20
FAG 9EU C . -13.05 -5.07 15.51
CAQ 9EU C . -11.91 -4.93 13.46
CAM 9EU C . -14.35 -5.41 12.16
CAL 9EU C . -13.17 -5.21 11.42
CAZ 9EU C . -11.94 -4.96 12.06
CAV 9EU C . -10.79 -4.77 11.27
OAE 9EU C . -10.62 -5.46 10.25
CBC 9EU C . -9.99 -3.68 11.49
CAR 9EU C . -10.49 -2.46 11.50
CBG 9EU C . -8.64 -3.58 11.39
CBA 9EU C . -7.62 -4.48 11.29
CAH 9EU C . -7.82 -5.87 11.20
CAA 9EU C . -7.97 -6.97 11.14
CAK 9EU C . -6.30 -4.06 11.27
CAI 9EU C . -6.02 -2.69 11.37
CAN 9EU C . -7.09 -1.82 11.48
CBF 9EU C . -8.37 -2.26 11.50
NBI 9EU C . -9.50 -1.59 11.64
CAW 9EU C . -9.70 -0.25 11.58
OAF 9EU C . -9.16 0.38 10.66
NBH 9EU C . -10.62 0.37 12.39
CAC 9EU C . -11.30 -0.36 13.47
CAD 9EU C . -10.89 1.80 12.20
C10 OLC D . -2.84 -1.87 14.04
C9 OLC D . -4.20 -1.31 14.51
C11 OLC D . -1.70 -0.89 13.69
C8 OLC D . -4.41 0.21 14.60
C24 OLC D . -4.83 7.24 11.53
C12 OLC D . -0.38 -1.68 13.53
C7 OLC D . -5.40 0.66 13.51
C13 OLC D . -0.08 -1.95 12.05
C6 OLC D . -6.24 1.84 14.01
C5 OLC D . -6.57 2.78 12.85
C4 OLC D . -7.76 3.67 13.24
C3 OLC D . -7.61 5.07 12.66
C2 OLC D . -8.61 6.01 13.36
C21 OLC D . -7.05 8.42 11.47
C1 OLC D . -8.86 7.27 12.51
C22 OLC D . -5.59 8.52 11.93
O19 OLC D . -9.89 7.39 11.82
O25 OLC D . -3.68 7.04 12.37
O23 OLC D . -4.99 9.68 11.35
O20 OLC D . -7.92 8.26 12.62
C18 OLC E . 8.80 7.97 18.89
C10 OLC E . 2.73 3.47 14.94
C9 OLC E . 1.70 2.49 14.29
C17 OLC E . 7.28 8.16 19.17
C11 OLC E . 2.42 4.99 15.07
C8 OLC E . 0.35 3.03 13.75
C24 OLC E . -10.18 7.49 16.50
C16 OLC E . 6.44 7.54 18.02
C12 OLC E . 3.60 5.73 15.73
C7 OLC E . -0.70 3.01 14.87
C15 OLC E . 4.93 7.69 18.30
C13 OLC E . 3.09 6.80 16.72
C6 OLC E . -1.98 3.70 14.41
C14 OLC E . 4.15 7.90 16.97
C5 OLC E . -2.37 4.76 15.42
C4 OLC E . -3.81 4.53 15.88
C3 OLC E . -4.63 5.83 15.73
C2 OLC E . -5.27 6.21 17.08
C21 OLC E . -8.19 7.41 18.06
C1 OLC E . -6.00 7.57 17.00
C22 OLC E . -9.17 8.34 17.30
O19 OLC E . -5.76 8.38 16.10
O25 OLC E . -11.27 7.05 17.32
O23 OLC E . -9.86 9.21 18.22
O20 OLC E . -6.82 7.88 18.07
C18 OLC F . 7.71 -11.28 15.32
C10 OLC F . 1.46 -9.35 9.21
C9 OLC F . 0.93 -8.00 9.78
C17 OLC F . 6.18 -11.39 15.19
C11 OLC F . 1.12 -10.70 9.88
C8 OLC F . -0.01 -7.93 11.00
C24 OLC F . 6.81 -2.73 18.43
C16 OLC F . 5.70 -10.71 13.89
C12 OLC F . 2.41 -11.39 10.36
C7 OLC F . 0.77 -7.74 12.31
C15 OLC F . 4.20 -10.95 13.69
C13 OLC F . 2.49 -11.29 11.89
C6 OLC F . 1.44 -6.36 12.44
C14 OLC F . 3.90 -11.66 12.35
C5 OLC F . 2.47 -6.40 13.60
C4 OLC F . 3.75 -5.64 13.22
C3 OLC F . 4.18 -4.71 14.38
C2 OLC F . 3.54 -3.30 14.27
C21 OLC F . 4.39 -2.73 17.81
C1 OLC F . 3.34 -2.58 15.65
C22 OLC F . 5.56 -3.60 18.31
O19 OLC F . 2.96 -1.40 15.68
O25 OLC F . 7.69 -2.98 17.34
O23 OLC F . 5.25 -4.10 19.63
O20 OLC F . 3.59 -3.36 16.77
C24 OLC G . -11.18 4.24 25.52
C5 OLC G . -4.40 0.03 27.68
C4 OLC G . -4.48 1.57 27.68
C3 OLC G . -5.74 2.03 26.94
C2 OLC G . -6.45 3.10 27.77
C21 OLC G . -9.28 5.34 26.80
C1 OLC G . -7.85 3.41 27.19
C22 OLC G . -10.04 5.30 25.45
O19 OLC G . -8.72 2.54 27.20
O25 OLC G . -12.47 4.79 25.18
O23 OLC G . -10.50 6.61 25.07
O20 OLC G . -7.99 4.68 26.67
ZN ZN H . -20.30 0.20 4.09
CAB 9EU I . 26.46 -8.72 -9.82
CAX 9EU I . 25.46 -7.76 -10.45
NAU 9EU I . 24.54 -8.16 -11.29
CBD 9EU I . 23.81 -7.10 -11.64
CAP 9EU I . 22.76 -6.99 -12.47
NAT 9EU I . 22.20 -5.72 -12.70
CAJ 9EU I . 22.74 -4.58 -12.07
CAO 9EU I . 23.84 -4.77 -11.23
CBE 9EU I . 24.34 -6.01 -11.01
NBJ 9EU I . 25.34 -6.44 -10.23
CAS 9EU I . 26.26 -5.57 -9.40
CBB 9EU I . 25.63 -5.03 -8.28
CAY 9EU I . 25.94 -3.72 -7.90
FAG 9EU I . 26.75 -3.06 -8.64
CAQ 9EU I . 25.36 -3.15 -6.76
CAM 9EU I . 24.75 -5.78 -7.49
CAL 9EU I . 24.18 -5.23 -6.35
CAZ 9EU I . 24.47 -3.91 -5.96
CAV 9EU I . 23.88 -3.42 -4.77
OAE 9EU I . 22.75 -3.81 -4.40
CBC 9EU I . 24.65 -2.70 -3.92
CAR 9EU I . 25.74 -3.24 -3.37
CBG 9EU I . 24.33 -1.57 -3.26
CBA 9EU I . 23.30 -0.66 -3.33
CAH 9EU I . 22.17 -0.77 -4.23
CAA 9EU I . 21.20 -0.85 -4.98
CAK 9EU I . 23.32 0.46 -2.52
CAI 9EU I . 24.38 0.67 -1.65
CAN 9EU I . 25.39 -0.28 -1.59
CBF 9EU I . 25.37 -1.35 -2.41
NBI 9EU I . 26.27 -2.36 -2.54
CAW 9EU I . 27.37 -2.56 -1.75
OAF 9EU I . 27.31 -2.23 -0.55
NBH 9EU I . 28.50 -3.15 -2.25
CAC 9EU I . 28.60 -3.58 -3.66
CAD 9EU I . 29.66 -3.36 -1.37
C10 OLC J . 25.84 5.02 -0.54
C9 OLC J . 26.77 3.96 -1.13
C11 OLC J . 26.21 5.75 0.75
C8 OLC J . 28.08 3.59 -0.42
C24 OLC J . 35.33 -1.84 5.91
C12 OLC J . 24.92 6.01 1.53
C7 OLC J . 28.47 2.20 -0.93
C13 OLC J . 24.92 7.43 2.11
C6 OLC J . 29.89 1.83 -0.51
C5 OLC J . 29.88 0.49 0.22
C4 OLC J . 31.17 0.36 1.03
C3 OLC J . 31.31 -1.01 1.69
C2 OLC J . 32.22 -1.91 0.83
C21 OLC J . 34.28 -2.65 3.75
C1 OLC J . 33.12 -2.82 1.68
C22 OLC J . 34.27 -1.54 4.82
O19 OLC J . 33.03 -4.06 1.59
O25 OLC J . 36.57 -1.17 5.63
O23 OLC J . 34.44 -0.22 4.26
O20 OLC J . 34.07 -2.14 2.42
C10 OLC K . 30.09 9.12 5.29
C9 OLC K . 29.70 8.05 4.22
C11 OLC K . 31.54 9.13 5.85
C8 OLC K . 30.80 7.09 3.73
C24 OLC K . 35.45 3.14 5.66
C7 OLC K . 30.28 5.65 3.60
C6 OLC K . 30.94 4.98 2.39
C5 OLC K . 32.27 4.31 2.75
C4 OLC K . 32.68 3.49 1.53
C3 OLC K . 34.20 3.42 1.39
C2 OLC K . 34.74 2.06 1.86
C21 OLC K . 37.12 1.99 4.12
C1 OLC K . 36.28 2.05 1.87
C22 OLC K . 36.95 2.89 5.37
O19 OLC K . 36.91 1.52 0.96
O25 OLC K . 35.25 4.39 6.34
O23 OLC K . 37.58 2.26 6.49
O20 OLC K . 36.86 2.73 2.92
C18 OLC L . 32.55 7.87 -14.64
C10 OLC L . 25.69 13.43 -14.13
C9 OLC L . 24.47 14.32 -14.49
C17 OLC L . 31.09 7.49 -14.36
C11 OLC L . 25.93 12.13 -14.94
C8 OLC L . 23.54 13.86 -15.63
C24 OLC L . 16.84 21.48 -18.68
C16 OLC L . 30.52 8.22 -13.12
C12 OLC L . 26.45 11.03 -14.02
C7 OLC L . 23.32 15.03 -16.57
C15 OLC L . 29.99 9.61 -13.50
C13 OLC L . 27.98 10.97 -14.10
C6 OLC L . 21.83 15.24 -16.89
C14 OLC L . 28.47 9.59 -13.66
C5 OLC L . 21.06 16.17 -15.92
C4 OLC L . 21.92 17.19 -15.12
C3 OLC L . 21.43 18.62 -15.37
C2 OLC L . 20.34 18.97 -14.35
C21 OLC L . 18.28 20.67 -16.82
C1 OLC L . 19.45 20.11 -14.88
C22 OLC L . 17.14 20.29 -17.76
O19 OLC L . 19.62 21.26 -14.45
O25 OLC L . 15.81 21.14 -19.62
O23 OLC L . 17.51 19.13 -18.54
O20 OLC L . 18.45 19.73 -15.74
ZN ZN M . 25.87 -15.91 -1.69
S SO4 N . -10.98 40.92 -4.25
O1 SO4 N . -10.23 39.81 -3.64
O2 SO4 N . -10.18 42.14 -4.22
O3 SO4 N . -12.21 41.16 -3.49
O4 SO4 N . -11.29 40.56 -5.65
S SO4 O . -19.74 36.47 12.27
O1 SO4 O . -19.16 35.52 13.22
O2 SO4 O . -18.79 37.58 12.09
O3 SO4 O . -21.03 36.91 12.80
O4 SO4 O . -19.91 35.82 10.97
S SO4 P . -32.74 41.52 -16.80
O1 SO4 P . -32.30 40.67 -17.89
O2 SO4 P . -31.84 42.68 -16.70
O3 SO4 P . -34.11 42.00 -17.06
O4 SO4 P . -32.77 40.76 -15.57
S SO4 Q . -17.73 44.95 -10.77
O1 SO4 Q . -18.17 46.01 -9.87
O2 SO4 Q . -16.37 45.24 -11.25
O3 SO4 Q . -18.64 44.88 -11.91
O4 SO4 Q . -17.73 43.66 -10.07
S SO4 R . -8.07 27.71 -13.50
O1 SO4 R . -7.22 28.32 -12.47
O2 SO4 R . -7.66 28.22 -14.81
O3 SO4 R . -9.47 28.01 -13.25
O4 SO4 R . -7.94 26.27 -13.46
S SO4 S . -13.59 42.91 -7.82
O1 SO4 S . -13.53 43.77 -9.00
O2 SO4 S . -13.03 43.65 -6.68
O3 SO4 S . -15.00 42.66 -7.58
O4 SO4 S . -12.88 41.64 -8.03
#